data_4U92
# 
_entry.id   4U92 
# 
_audit_conform.dict_name       mmcif_pdbx.dic 
_audit_conform.dict_version    5.383 
_audit_conform.dict_location   http://mmcif.pdb.org/dictionaries/ascii/mmcif_pdbx.dic 
# 
loop_
_database_2.database_id 
_database_2.database_code 
_database_2.pdbx_database_accession 
_database_2.pdbx_DOI 
PDB   4U92         pdb_00004u92 10.2210/pdb4u92/pdb 
WWPDB D_1000203021 ?            ?                   
# 
loop_
_pdbx_audit_revision_history.ordinal 
_pdbx_audit_revision_history.data_content_type 
_pdbx_audit_revision_history.major_revision 
_pdbx_audit_revision_history.minor_revision 
_pdbx_audit_revision_history.revision_date 
1 'Structure model' 1 0 2014-11-26 
2 'Structure model' 1 1 2014-12-10 
3 'Structure model' 1 2 2023-12-27 
# 
_pdbx_audit_revision_details.ordinal             1 
_pdbx_audit_revision_details.revision_ordinal    1 
_pdbx_audit_revision_details.data_content_type   'Structure model' 
_pdbx_audit_revision_details.provider            repository 
_pdbx_audit_revision_details.type                'Initial release' 
_pdbx_audit_revision_details.description         ? 
_pdbx_audit_revision_details.details             ? 
# 
loop_
_pdbx_audit_revision_group.ordinal 
_pdbx_audit_revision_group.revision_ordinal 
_pdbx_audit_revision_group.data_content_type 
_pdbx_audit_revision_group.group 
1 2 'Structure model' 'Database references'  
2 3 'Structure model' 'Data collection'      
3 3 'Structure model' 'Database references'  
4 3 'Structure model' 'Derived calculations' 
5 3 'Structure model' Other                  
6 3 'Structure model' 'Source and taxonomy'  
# 
loop_
_pdbx_audit_revision_category.ordinal 
_pdbx_audit_revision_category.revision_ordinal 
_pdbx_audit_revision_category.data_content_type 
_pdbx_audit_revision_category.category 
1 3 'Structure model' chem_comp_atom         
2 3 'Structure model' chem_comp_bond         
3 3 'Structure model' citation               
4 3 'Structure model' database_2             
5 3 'Structure model' pdbx_database_status   
6 3 'Structure model' pdbx_entity_src_syn    
7 3 'Structure model' pdbx_struct_conn_angle 
8 3 'Structure model' pdbx_struct_oper_list  
9 3 'Structure model' struct_conn            
# 
loop_
_pdbx_audit_revision_item.ordinal 
_pdbx_audit_revision_item.revision_ordinal 
_pdbx_audit_revision_item.data_content_type 
_pdbx_audit_revision_item.item 
1  3 'Structure model' '_citation.journal_id_CSD'                    
2  3 'Structure model' '_database_2.pdbx_DOI'                        
3  3 'Structure model' '_database_2.pdbx_database_accession'         
4  3 'Structure model' '_pdbx_database_status.pdb_format_compatible' 
5  3 'Structure model' '_pdbx_entity_src_syn.pdbx_alt_source_flag'   
6  3 'Structure model' '_pdbx_struct_conn_angle.ptnr1_auth_asym_id'  
7  3 'Structure model' '_pdbx_struct_conn_angle.ptnr1_auth_comp_id'  
8  3 'Structure model' '_pdbx_struct_conn_angle.ptnr1_auth_seq_id'   
9  3 'Structure model' '_pdbx_struct_conn_angle.ptnr1_label_asym_id' 
10 3 'Structure model' '_pdbx_struct_conn_angle.ptnr1_label_atom_id' 
11 3 'Structure model' '_pdbx_struct_conn_angle.ptnr1_label_comp_id' 
12 3 'Structure model' '_pdbx_struct_conn_angle.ptnr1_label_seq_id'  
13 3 'Structure model' '_pdbx_struct_conn_angle.ptnr1_symmetry'      
14 3 'Structure model' '_pdbx_struct_conn_angle.ptnr2_auth_asym_id'  
15 3 'Structure model' '_pdbx_struct_conn_angle.ptnr2_auth_comp_id'  
16 3 'Structure model' '_pdbx_struct_conn_angle.ptnr2_auth_seq_id'   
17 3 'Structure model' '_pdbx_struct_conn_angle.ptnr2_label_asym_id' 
18 3 'Structure model' '_pdbx_struct_conn_angle.ptnr2_label_atom_id' 
19 3 'Structure model' '_pdbx_struct_conn_angle.ptnr2_label_comp_id' 
20 3 'Structure model' '_pdbx_struct_conn_angle.ptnr3_auth_asym_id'  
21 3 'Structure model' '_pdbx_struct_conn_angle.ptnr3_auth_comp_id'  
22 3 'Structure model' '_pdbx_struct_conn_angle.ptnr3_auth_seq_id'   
23 3 'Structure model' '_pdbx_struct_conn_angle.ptnr3_label_asym_id' 
24 3 'Structure model' '_pdbx_struct_conn_angle.ptnr3_label_atom_id' 
25 3 'Structure model' '_pdbx_struct_conn_angle.ptnr3_label_comp_id' 
26 3 'Structure model' '_pdbx_struct_conn_angle.ptnr3_label_seq_id'  
27 3 'Structure model' '_pdbx_struct_conn_angle.ptnr3_symmetry'      
28 3 'Structure model' '_pdbx_struct_conn_angle.value'               
29 3 'Structure model' '_pdbx_struct_oper_list.symmetry_operation'   
30 3 'Structure model' '_struct_conn.pdbx_dist_value'                
31 3 'Structure model' '_struct_conn.ptnr1_auth_asym_id'             
32 3 'Structure model' '_struct_conn.ptnr1_auth_comp_id'             
33 3 'Structure model' '_struct_conn.ptnr1_auth_seq_id'              
34 3 'Structure model' '_struct_conn.ptnr1_label_asym_id'            
35 3 'Structure model' '_struct_conn.ptnr1_label_atom_id'            
36 3 'Structure model' '_struct_conn.ptnr1_label_comp_id'            
37 3 'Structure model' '_struct_conn.ptnr1_label_seq_id'             
38 3 'Structure model' '_struct_conn.ptnr2_auth_asym_id'             
39 3 'Structure model' '_struct_conn.ptnr2_auth_comp_id'             
40 3 'Structure model' '_struct_conn.ptnr2_auth_seq_id'              
41 3 'Structure model' '_struct_conn.ptnr2_label_asym_id'            
42 3 'Structure model' '_struct_conn.ptnr2_label_atom_id'            
43 3 'Structure model' '_struct_conn.ptnr2_label_comp_id'            
44 3 'Structure model' '_struct_conn.ptnr2_label_seq_id'             
45 3 'Structure model' '_struct_conn.ptnr2_symmetry'                 
# 
_pdbx_database_status.status_code                     REL 
_pdbx_database_status.status_code_sf                  REL 
_pdbx_database_status.status_code_mr                  ? 
_pdbx_database_status.entry_id                        4U92 
_pdbx_database_status.recvd_initial_deposition_date   2014-08-05 
_pdbx_database_status.SG_entry                        N 
_pdbx_database_status.deposit_site                    RCSB 
_pdbx_database_status.process_site                    RCSB 
_pdbx_database_status.status_code_cs                  ? 
_pdbx_database_status.methods_development_category    ? 
_pdbx_database_status.status_code_nmr_data            ? 
_pdbx_database_status.pdb_format_compatible           Y 
# 
loop_
_audit_author.name 
_audit_author.pdbx_ordinal 
'Paukstelis, P.J.' 1 
'Zhang, D.'        2 
'Huang, T.'        3 
'Lukeman, P.'      4 
# 
_citation.abstract                  ? 
_citation.abstract_id_CAS           ? 
_citation.book_id_ISBN              ? 
_citation.book_publisher            ? 
_citation.book_publisher_city       ? 
_citation.book_title                ? 
_citation.coordinate_linkage        ? 
_citation.country                   UK 
_citation.database_id_Medline       ? 
_citation.details                   ? 
_citation.id                        primary 
_citation.journal_abbrev            'Nucleic Acids Res.' 
_citation.journal_id_ASTM           NARHAD 
_citation.journal_id_CSD            0389 
_citation.journal_id_ISSN           1362-4962 
_citation.journal_full              ? 
_citation.journal_issue             ? 
_citation.journal_volume            42 
_citation.language                  ? 
_citation.page_first                13422 
_citation.page_last                 13429 
_citation.title                     'Crystal structure of a DNA/Ba2+ G-quadruplex containing a water-mediated C-tetrad.' 
_citation.year                      2014 
_citation.database_id_CSD           ? 
_citation.pdbx_database_id_DOI      10.1093/nar/gku1122 
_citation.pdbx_database_id_PubMed   25389267 
_citation.unpublished_flag          ? 
# 
loop_
_citation_author.citation_id 
_citation_author.name 
_citation_author.ordinal 
_citation_author.identifier_ORCID 
primary 'Zhang, D.'        1 ? 
primary 'Huang, T.'        2 ? 
primary 'Lukeman, P.S.'    3 ? 
primary 'Paukstelis, P.J.' 4 ? 
# 
loop_
_entity.id 
_entity.type 
_entity.src_method 
_entity.pdbx_description 
_entity.formula_weight 
_entity.pdbx_number_of_molecules 
_entity.pdbx_ec 
_entity.pdbx_mutation 
_entity.pdbx_fragment 
_entity.details 
1 polymer     syn 
;DNA (5'-D(*CP*CP*AP*KP*GP*CP*GP*TP*GP*G)-3')
;
2793.873 2  ? ? ? '3-cyanovinylcarabazole nucleotide at position 4' 
2 non-polymer syn 'BARIUM ION'                                   137.327  6  ? ? ? ? 
3 non-polymer syn 'MAGNESIUM ION'                                24.305   2  ? ? ? ? 
4 water       nat water                                          18.015   61 ? ? ? ? 
# 
_entity_poly.entity_id                      1 
_entity_poly.type                           polydeoxyribonucleotide 
_entity_poly.nstd_linkage                   no 
_entity_poly.nstd_monomer                   yes 
_entity_poly.pdbx_seq_one_letter_code       '(DC)(DC)(DA)(CNV)(DG)(DC)(DG)(DT)(DG)(DG)' 
_entity_poly.pdbx_seq_one_letter_code_can   CCAXGCGTGG 
_entity_poly.pdbx_strand_id                 A,B 
_entity_poly.pdbx_target_identifier         ? 
# 
loop_
_pdbx_entity_nonpoly.entity_id 
_pdbx_entity_nonpoly.name 
_pdbx_entity_nonpoly.comp_id 
2 'BARIUM ION'    BA  
3 'MAGNESIUM ION' MG  
4 water           HOH 
# 
loop_
_entity_poly_seq.entity_id 
_entity_poly_seq.num 
_entity_poly_seq.mon_id 
_entity_poly_seq.hetero 
1 1  DC  n 
1 2  DC  n 
1 3  DA  n 
1 4  CNV n 
1 5  DG  n 
1 6  DC  n 
1 7  DG  n 
1 8  DT  n 
1 9  DG  n 
1 10 DG  n 
# 
_pdbx_entity_src_syn.entity_id              1 
_pdbx_entity_src_syn.pdbx_src_id            1 
_pdbx_entity_src_syn.pdbx_alt_source_flag   sample 
_pdbx_entity_src_syn.pdbx_beg_seq_num       1 
_pdbx_entity_src_syn.pdbx_end_seq_num       10 
_pdbx_entity_src_syn.organism_scientific    'synthetic construct' 
_pdbx_entity_src_syn.organism_common_name   ? 
_pdbx_entity_src_syn.ncbi_taxonomy_id       32630 
_pdbx_entity_src_syn.details                ? 
# 
loop_
_chem_comp.id 
_chem_comp.type 
_chem_comp.mon_nstd_flag 
_chem_comp.name 
_chem_comp.pdbx_synonyms 
_chem_comp.formula 
_chem_comp.formula_weight 
BA  non-polymer   . 'BARIUM ION'                         ? 'Ba 2'            137.327 
CNV non-polymer   . propanenitrile                       ? 'C3 H5 N'         55.078  
DA  'DNA linking' y "2'-DEOXYADENOSINE-5'-MONOPHOSPHATE" ? 'C10 H14 N5 O6 P' 331.222 
DC  'DNA linking' y "2'-DEOXYCYTIDINE-5'-MONOPHOSPHATE"  ? 'C9 H14 N3 O7 P'  307.197 
DG  'DNA linking' y "2'-DEOXYGUANOSINE-5'-MONOPHOSPHATE" ? 'C10 H14 N5 O7 P' 347.221 
DT  'DNA linking' y "THYMIDINE-5'-MONOPHOSPHATE"         ? 'C10 H15 N2 O8 P' 322.208 
HOH non-polymer   . WATER                                ? 'H2 O'            18.015  
MG  non-polymer   . 'MAGNESIUM ION'                      ? 'Mg 2'            24.305  
# 
loop_
_pdbx_poly_seq_scheme.asym_id 
_pdbx_poly_seq_scheme.entity_id 
_pdbx_poly_seq_scheme.seq_id 
_pdbx_poly_seq_scheme.mon_id 
_pdbx_poly_seq_scheme.ndb_seq_num 
_pdbx_poly_seq_scheme.pdb_seq_num 
_pdbx_poly_seq_scheme.auth_seq_num 
_pdbx_poly_seq_scheme.pdb_mon_id 
_pdbx_poly_seq_scheme.auth_mon_id 
_pdbx_poly_seq_scheme.pdb_strand_id 
_pdbx_poly_seq_scheme.pdb_ins_code 
_pdbx_poly_seq_scheme.hetero 
A 1 1  DC  1  1  ?  ?  ?  A . n 
A 1 2  DC  2  2  ?  ?  ?  A . n 
A 1 3  DA  3  3  ?  ?  ?  A . n 
A 1 4  CNV 4  4  ?  ?  ?  A . n 
A 1 5  DG  5  5  5  DG DG A . n 
A 1 6  DC  6  6  6  DC DC A . n 
A 1 7  DG  7  7  7  DG DG A . n 
A 1 8  DT  8  8  8  DT DT A . n 
A 1 9  DG  9  9  9  DG DG A . n 
A 1 10 DG  10 10 10 DG DG A . n 
B 1 1  DC  1  1  ?  ?  ?  B . n 
B 1 2  DC  2  2  ?  ?  ?  B . n 
B 1 3  DA  3  3  ?  ?  ?  B . n 
B 1 4  CNV 4  4  ?  ?  ?  B . n 
B 1 5  DG  5  5  5  DG DG B . n 
B 1 6  DC  6  6  6  DC DC B . n 
B 1 7  DG  7  7  7  DG DG B . n 
B 1 8  DT  8  8  8  DT DT B . n 
B 1 9  DG  9  9  9  DG DG B . n 
B 1 10 DG  10 10 10 DG DG B . n 
# 
loop_
_pdbx_nonpoly_scheme.asym_id 
_pdbx_nonpoly_scheme.entity_id 
_pdbx_nonpoly_scheme.mon_id 
_pdbx_nonpoly_scheme.ndb_seq_num 
_pdbx_nonpoly_scheme.pdb_seq_num 
_pdbx_nonpoly_scheme.auth_seq_num 
_pdbx_nonpoly_scheme.pdb_mon_id 
_pdbx_nonpoly_scheme.auth_mon_id 
_pdbx_nonpoly_scheme.pdb_strand_id 
_pdbx_nonpoly_scheme.pdb_ins_code 
C 2 BA  1  101 3  BA  BA  A . 
D 2 BA  1  102 4  BA  BA  A . 
E 2 BA  1  103 5  BA  BA  A . 
F 3 MG  1  104 1  MG  MG  A . 
G 3 MG  1  105 2  MG  MG  A . 
H 2 BA  1  101 1  BA  BA  B . 
I 2 BA  1  102 2  BA  BA  B . 
J 2 BA  1  103 6  BA  BA  B . 
K 4 HOH 1  201 10 HOH HOH A . 
K 4 HOH 2  202 28 HOH HOH A . 
K 4 HOH 3  203 9  HOH HOH A . 
K 4 HOH 4  204 4  HOH HOH A . 
K 4 HOH 5  205 53 HOH HOH A . 
K 4 HOH 6  206 37 HOH HOH A . 
K 4 HOH 7  207 18 HOH HOH A . 
K 4 HOH 8  208 52 HOH HOH A . 
K 4 HOH 9  209 16 HOH HOH A . 
K 4 HOH 10 210 21 HOH HOH A . 
K 4 HOH 11 211 15 HOH HOH A . 
K 4 HOH 12 212 5  HOH HOH A . 
K 4 HOH 13 213 32 HOH HOH A . 
K 4 HOH 14 214 67 HOH HOH A . 
K 4 HOH 15 215 17 HOH HOH A . 
K 4 HOH 16 216 62 HOH HOH A . 
K 4 HOH 17 217 88 HOH HOH A . 
K 4 HOH 18 218 55 HOH HOH A . 
K 4 HOH 19 219 45 HOH HOH A . 
K 4 HOH 20 220 46 HOH HOH A . 
K 4 HOH 21 221 29 HOH HOH A . 
K 4 HOH 22 222 8  HOH HOH A . 
K 4 HOH 23 223 35 HOH HOH A . 
K 4 HOH 24 224 33 HOH HOH A . 
K 4 HOH 25 225 12 HOH HOH A . 
K 4 HOH 26 226 31 HOH HOH A . 
K 4 HOH 27 227 22 HOH HOH A . 
K 4 HOH 28 228 24 HOH HOH A . 
K 4 HOH 29 229 41 HOH HOH A . 
K 4 HOH 30 230 99 HOH HOH A . 
L 4 HOH 1  201 30 HOH HOH B . 
L 4 HOH 2  202 1  HOH HOH B . 
L 4 HOH 3  203 26 HOH HOH B . 
L 4 HOH 4  204 3  HOH HOH B . 
L 4 HOH 5  205 20 HOH HOH B . 
L 4 HOH 6  206 11 HOH HOH B . 
L 4 HOH 7  207 23 HOH HOH B . 
L 4 HOH 8  208 43 HOH HOH B . 
L 4 HOH 9  209 25 HOH HOH B . 
L 4 HOH 10 210 19 HOH HOH B . 
L 4 HOH 11 211 13 HOH HOH B . 
L 4 HOH 12 212 47 HOH HOH B . 
L 4 HOH 13 213 2  HOH HOH B . 
L 4 HOH 14 214 61 HOH HOH B . 
L 4 HOH 15 215 38 HOH HOH B . 
L 4 HOH 16 216 27 HOH HOH B . 
L 4 HOH 17 217 14 HOH HOH B . 
L 4 HOH 18 218 54 HOH HOH B . 
L 4 HOH 19 219 56 HOH HOH B . 
L 4 HOH 20 220 66 HOH HOH B . 
L 4 HOH 21 221 93 HOH HOH B . 
L 4 HOH 22 222 36 HOH HOH B . 
L 4 HOH 23 223 92 HOH HOH B . 
L 4 HOH 24 224 59 HOH HOH B . 
L 4 HOH 25 225 34 HOH HOH B . 
L 4 HOH 26 226 6  HOH HOH B . 
L 4 HOH 27 227 65 HOH HOH B . 
L 4 HOH 28 228 48 HOH HOH B . 
L 4 HOH 29 229 7  HOH HOH B . 
L 4 HOH 30 230 42 HOH HOH B . 
L 4 HOH 31 231 87 HOH HOH B . 
# 
_software.citation_id            ? 
_software.classification         refinement 
_software.compiler_name          ? 
_software.compiler_version       ? 
_software.contact_author         ? 
_software.contact_author_email   ? 
_software.date                   ? 
_software.description            ? 
_software.dependencies           ? 
_software.hardware               ? 
_software.language               ? 
_software.location               ? 
_software.mods                   ? 
_software.name                   REFMAC 
_software.os                     ? 
_software.os_version             ? 
_software.type                   ? 
_software.version                5.8.0073 
_software.pdbx_ordinal           1 
# 
_cell.entry_id           4U92 
_cell.length_a           29.621 
_cell.length_b           29.621 
_cell.length_c           63.737 
_cell.angle_alpha        90.00 
_cell.angle_beta         90.00 
_cell.angle_gamma        90.00 
_cell.Z_PDB              8 
_cell.pdbx_unique_axis   ? 
# 
_symmetry.entry_id                         4U92 
_symmetry.cell_setting                     ? 
_symmetry.Int_Tables_number                75 
_symmetry.space_group_name_Hall            ? 
_symmetry.space_group_name_H-M             'P 4' 
_symmetry.pdbx_full_space_group_name_H-M   ? 
# 
_exptl.absorpt_coefficient_mu     ? 
_exptl.absorpt_correction_T_max   ? 
_exptl.absorpt_correction_T_min   ? 
_exptl.absorpt_correction_type    ? 
_exptl.absorpt_process_details    ? 
_exptl.entry_id                   4U92 
_exptl.crystals_number            ? 
_exptl.details                    ? 
_exptl.method                     'X-RAY DIFFRACTION' 
_exptl.method_details             ? 
# 
_exptl_crystal.colour                      ? 
_exptl_crystal.density_diffrn              ? 
_exptl_crystal.density_Matthews            2.50 
_exptl_crystal.density_method              ? 
_exptl_crystal.density_percent_sol         50.84 
_exptl_crystal.description                 ? 
_exptl_crystal.F_000                       ? 
_exptl_crystal.id                          1 
_exptl_crystal.preparation                 ? 
_exptl_crystal.size_max                    ? 
_exptl_crystal.size_mid                    ? 
_exptl_crystal.size_min                    ? 
_exptl_crystal.size_rad                    ? 
_exptl_crystal.colour_lustre               ? 
_exptl_crystal.colour_modifier             ? 
_exptl_crystal.colour_primary              ? 
_exptl_crystal.density_meas                ? 
_exptl_crystal.density_meas_esd            ? 
_exptl_crystal.density_meas_gt             ? 
_exptl_crystal.density_meas_lt             ? 
_exptl_crystal.density_meas_temp           ? 
_exptl_crystal.density_meas_temp_esd       ? 
_exptl_crystal.density_meas_temp_gt        ? 
_exptl_crystal.density_meas_temp_lt        ? 
_exptl_crystal.pdbx_crystal_image_url      ? 
_exptl_crystal.pdbx_crystal_image_format   ? 
_exptl_crystal.pdbx_mosaicity              ? 
_exptl_crystal.pdbx_mosaicity_esd          ? 
# 
_exptl_crystal_grow.apparatus       ? 
_exptl_crystal_grow.atmosphere      ? 
_exptl_crystal_grow.crystal_id      1 
_exptl_crystal_grow.details         ? 
_exptl_crystal_grow.method          'VAPOR DIFFUSION, SITTING DROP' 
_exptl_crystal_grow.method_ref      ? 
_exptl_crystal_grow.pH              7.0 
_exptl_crystal_grow.pressure        ? 
_exptl_crystal_grow.pressure_esd    ? 
_exptl_crystal_grow.seeding         ? 
_exptl_crystal_grow.seeding_ref     ? 
_exptl_crystal_grow.temp            296 
_exptl_crystal_grow.temp_details    ? 
_exptl_crystal_grow.temp_esd        ? 
_exptl_crystal_grow.time            ? 
_exptl_crystal_grow.pdbx_details    'Magnesium chloride hexahydrate, Barium chloride dihydrate, MOPS pH 7.0, 1,4-Dioxane' 
_exptl_crystal_grow.pdbx_pH_range   ? 
# 
_diffrn.ambient_environment    ? 
_diffrn.ambient_temp           100 
_diffrn.ambient_temp_details   ? 
_diffrn.ambient_temp_esd       ? 
_diffrn.crystal_id             1 
_diffrn.crystal_support        ? 
_diffrn.crystal_treatment      ? 
_diffrn.details                ? 
_diffrn.id                     1 
_diffrn.ambient_pressure       ? 
_diffrn.ambient_pressure_esd   ? 
_diffrn.ambient_pressure_gt    ? 
_diffrn.ambient_pressure_lt    ? 
_diffrn.ambient_temp_gt        ? 
_diffrn.ambient_temp_lt        ? 
# 
_diffrn_detector.details                      ? 
_diffrn_detector.detector                     CCD 
_diffrn_detector.diffrn_id                    1 
_diffrn_detector.type                         'MAR CCD 130 mm' 
_diffrn_detector.area_resol_mean              ? 
_diffrn_detector.dtime                        ? 
_diffrn_detector.pdbx_frames_total            ? 
_diffrn_detector.pdbx_collection_time_total   ? 
_diffrn_detector.pdbx_collection_date         2013-11-13 
# 
_diffrn_radiation.collimation                      ? 
_diffrn_radiation.diffrn_id                        1 
_diffrn_radiation.filter_edge                      ? 
_diffrn_radiation.inhomogeneity                    ? 
_diffrn_radiation.monochromator                    ? 
_diffrn_radiation.polarisn_norm                    ? 
_diffrn_radiation.polarisn_ratio                   ? 
_diffrn_radiation.probe                            ? 
_diffrn_radiation.type                             ? 
_diffrn_radiation.xray_symbol                      ? 
_diffrn_radiation.wavelength_id                    1 
_diffrn_radiation.pdbx_monochromatic_or_laue_m_l   M 
_diffrn_radiation.pdbx_wavelength_list             ? 
_diffrn_radiation.pdbx_wavelength                  ? 
_diffrn_radiation.pdbx_diffrn_protocol             'SINGLE WAVELENGTH' 
_diffrn_radiation.pdbx_analyzer                    ? 
_diffrn_radiation.pdbx_scattering_type             x-ray 
# 
_diffrn_radiation_wavelength.id           1 
_diffrn_radiation_wavelength.wavelength   1.000 
_diffrn_radiation_wavelength.wt           1.0 
# 
_diffrn_source.current                     ? 
_diffrn_source.details                     ? 
_diffrn_source.diffrn_id                   1 
_diffrn_source.power                       ? 
_diffrn_source.size                        ? 
_diffrn_source.source                      SYNCHROTRON 
_diffrn_source.target                      ? 
_diffrn_source.type                        'APS BEAMLINE 22-BM' 
_diffrn_source.voltage                     ? 
_diffrn_source.take-off_angle              ? 
_diffrn_source.pdbx_wavelength_list        1.000 
_diffrn_source.pdbx_wavelength             ? 
_diffrn_source.pdbx_synchrotron_beamline   22-BM 
_diffrn_source.pdbx_synchrotron_site       APS 
# 
_reflns.B_iso_Wilson_estimate            ? 
_reflns.entry_id                         4U92 
_reflns.data_reduction_details           ? 
_reflns.data_reduction_method            ? 
_reflns.d_resolution_high                1.50 
_reflns.d_resolution_low                 50.0 
_reflns.details                          ? 
_reflns.limit_h_max                      ? 
_reflns.limit_h_min                      ? 
_reflns.limit_k_max                      ? 
_reflns.limit_k_min                      ? 
_reflns.limit_l_max                      ? 
_reflns.limit_l_min                      ? 
_reflns.number_all                       ? 
_reflns.number_obs                       8348 
_reflns.observed_criterion               ? 
_reflns.observed_criterion_F_max         ? 
_reflns.observed_criterion_F_min         ? 
_reflns.observed_criterion_I_max         ? 
_reflns.observed_criterion_I_min         ? 
_reflns.observed_criterion_sigma_F       ? 
_reflns.observed_criterion_sigma_I       ? 
_reflns.percent_possible_obs             99.1 
_reflns.R_free_details                   ? 
_reflns.Rmerge_F_all                     ? 
_reflns.Rmerge_F_obs                     ? 
_reflns.Friedel_coverage                 ? 
_reflns.number_gt                        ? 
_reflns.threshold_expression             ? 
_reflns.pdbx_redundancy                  14.2 
_reflns.pdbx_Rmerge_I_obs                ? 
_reflns.pdbx_Rmerge_I_all                ? 
_reflns.pdbx_Rsym_value                  ? 
_reflns.pdbx_netI_over_av_sigmaI         ? 
_reflns.pdbx_netI_over_sigmaI            44.25 
_reflns.pdbx_res_netI_over_av_sigmaI_2   ? 
_reflns.pdbx_res_netI_over_sigmaI_2      ? 
_reflns.pdbx_chi_squared                 ? 
_reflns.pdbx_scaling_rejects             ? 
_reflns.pdbx_d_res_high_opt              ? 
_reflns.pdbx_d_res_low_opt               ? 
_reflns.pdbx_d_res_opt_method            ? 
_reflns.phase_calculation_details        ? 
_reflns.pdbx_Rrim_I_all                  ? 
_reflns.pdbx_Rpim_I_all                  ? 
_reflns.pdbx_d_opt                       ? 
_reflns.pdbx_number_measured_all         ? 
_reflns.pdbx_diffrn_id                   1 
_reflns.pdbx_ordinal                     1 
_reflns.pdbx_CC_half                     ? 
_reflns.pdbx_R_split                     ? 
# 
_refine.aniso_B[1][1]                            0.00 
_refine.aniso_B[1][2]                            -0.00 
_refine.aniso_B[1][3]                            -0.00 
_refine.aniso_B[2][2]                            0.00 
_refine.aniso_B[2][3]                            -0.00 
_refine.aniso_B[3][3]                            -0.00 
_refine.B_iso_max                                ? 
_refine.B_iso_mean                               15.791 
_refine.B_iso_min                                ? 
_refine.correlation_coeff_Fo_to_Fc               0.967 
_refine.correlation_coeff_Fo_to_Fc_free          0.970 
_refine.details                                  'HYDROGENS HAVE BEEN ADDED IN THE RIDING POSITIONS' 
_refine.diff_density_max                         ? 
_refine.diff_density_max_esd                     ? 
_refine.diff_density_min                         ? 
_refine.diff_density_min_esd                     ? 
_refine.diff_density_rms                         ? 
_refine.diff_density_rms_esd                     ? 
_refine.entry_id                                 4U92 
_refine.pdbx_refine_id                           'X-RAY DIFFRACTION' 
_refine.ls_abs_structure_details                 ? 
_refine.ls_abs_structure_Flack                   ? 
_refine.ls_abs_structure_Flack_esd               ? 
_refine.ls_abs_structure_Rogers                  ? 
_refine.ls_abs_structure_Rogers_esd              ? 
_refine.ls_d_res_high                            1.50 
_refine.ls_d_res_low                             26.8 
_refine.ls_extinction_coef                       ? 
_refine.ls_extinction_coef_esd                   ? 
_refine.ls_extinction_expression                 ? 
_refine.ls_extinction_method                     ? 
_refine.ls_goodness_of_fit_all                   ? 
_refine.ls_goodness_of_fit_all_esd               ? 
_refine.ls_goodness_of_fit_obs                   ? 
_refine.ls_goodness_of_fit_obs_esd               ? 
_refine.ls_hydrogen_treatment                    ? 
_refine.ls_matrix_type                           ? 
_refine.ls_number_constraints                    ? 
_refine.ls_number_parameters                     ? 
_refine.ls_number_reflns_all                     ? 
_refine.ls_number_reflns_obs                     8348 
_refine.ls_number_reflns_R_free                  425 
_refine.ls_number_reflns_R_work                  ? 
_refine.ls_number_restraints                     ? 
_refine.ls_percent_reflns_obs                    99.11 
_refine.ls_percent_reflns_R_free                 4.8 
_refine.ls_R_factor_all                          ? 
_refine.ls_R_factor_obs                          0.13002 
_refine.ls_R_factor_R_free                       0.14423 
_refine.ls_R_factor_R_free_error                 ? 
_refine.ls_R_factor_R_free_error_details         ? 
_refine.ls_R_factor_R_work                       0.12931 
_refine.ls_R_Fsqd_factor_obs                     ? 
_refine.ls_R_I_factor_obs                        ? 
_refine.ls_redundancy_reflns_all                 ? 
_refine.ls_redundancy_reflns_obs                 ? 
_refine.ls_restrained_S_all                      ? 
_refine.ls_restrained_S_obs                      ? 
_refine.ls_shift_over_esd_max                    ? 
_refine.ls_shift_over_esd_mean                   ? 
_refine.ls_structure_factor_coef                 ? 
_refine.ls_weighting_details                     ? 
_refine.ls_weighting_scheme                      ? 
_refine.ls_wR_factor_all                         ? 
_refine.ls_wR_factor_obs                         ? 
_refine.ls_wR_factor_R_free                      ? 
_refine.ls_wR_factor_R_work                      ? 
_refine.occupancy_max                            ? 
_refine.occupancy_min                            ? 
_refine.solvent_model_details                    'BABINET MODEL WITH MASK' 
_refine.solvent_model_param_bsol                 ? 
_refine.solvent_model_param_ksol                 ? 
_refine.ls_R_factor_gt                           ? 
_refine.ls_goodness_of_fit_gt                    ? 
_refine.ls_goodness_of_fit_ref                   ? 
_refine.ls_shift_over_su_max                     ? 
_refine.ls_shift_over_su_max_lt                  ? 
_refine.ls_shift_over_su_mean                    ? 
_refine.ls_shift_over_su_mean_lt                 ? 
_refine.pdbx_ls_sigma_I                          ? 
_refine.pdbx_ls_sigma_F                          ? 
_refine.pdbx_ls_sigma_Fsqd                       ? 
_refine.pdbx_data_cutoff_high_absF               ? 
_refine.pdbx_data_cutoff_high_rms_absF           ? 
_refine.pdbx_data_cutoff_low_absF                ? 
_refine.pdbx_isotropic_thermal_model             ? 
_refine.pdbx_ls_cross_valid_method               THROUGHOUT 
_refine.pdbx_method_to_determine_struct          SAD 
_refine.pdbx_starting_model                      ? 
_refine.pdbx_stereochemistry_target_values       'MAXIMUM LIKELIHOOD WITH PHASES' 
_refine.pdbx_R_Free_selection_details            RANDOM 
_refine.pdbx_stereochem_target_val_spec_case     ? 
_refine.pdbx_overall_ESU_R                       0.042 
_refine.pdbx_overall_ESU_R_Free                  0.043 
_refine.pdbx_solvent_vdw_probe_radii             1.20 
_refine.pdbx_solvent_ion_probe_radii             0.80 
_refine.pdbx_solvent_shrinkage_radii             0.80 
_refine.pdbx_real_space_R                        ? 
_refine.pdbx_density_correlation                 ? 
_refine.pdbx_pd_number_of_powder_patterns        ? 
_refine.pdbx_pd_number_of_points                 ? 
_refine.pdbx_pd_meas_number_of_points            ? 
_refine.pdbx_pd_proc_ls_prof_R_factor            ? 
_refine.pdbx_pd_proc_ls_prof_wR_factor           ? 
_refine.pdbx_pd_Marquardt_correlation_coeff      ? 
_refine.pdbx_pd_Fsqrd_R_factor                   ? 
_refine.pdbx_pd_ls_matrix_band_width             ? 
_refine.pdbx_overall_phase_error                 ? 
_refine.pdbx_overall_SU_R_free_Cruickshank_DPI   ? 
_refine.pdbx_overall_SU_R_free_Blow_DPI          ? 
_refine.pdbx_overall_SU_R_Blow_DPI               ? 
_refine.pdbx_TLS_residual_ADP_flag               ? 
_refine.pdbx_diffrn_id                           1 
_refine.overall_SU_B                             0.872 
_refine.overall_SU_ML                            0.032 
_refine.overall_SU_R_Cruickshank_DPI             ? 
_refine.overall_SU_R_free                        ? 
_refine.overall_FOM_free_R_set                   ? 
_refine.overall_FOM_work_R_set                   ? 
# 
_refine_hist.pdbx_refine_id                   'X-RAY DIFFRACTION' 
_refine_hist.cycle_id                         1 
_refine_hist.pdbx_number_atoms_protein        0 
_refine_hist.pdbx_number_atoms_nucleic_acid   254 
_refine_hist.pdbx_number_atoms_ligand         8 
_refine_hist.number_atoms_solvent             61 
_refine_hist.number_atoms_total               323 
_refine_hist.d_res_high                       1.50 
_refine_hist.d_res_low                        26.8 
# 
loop_
_refine_ls_restr.pdbx_refine_id 
_refine_ls_restr.criterion 
_refine_ls_restr.dev_ideal 
_refine_ls_restr.dev_ideal_target 
_refine_ls_restr.number 
_refine_ls_restr.rejects 
_refine_ls_restr.type 
_refine_ls_restr.weight 
_refine_ls_restr.pdbx_restraint_function 
'X-RAY DIFFRACTION' ? 0.015 0.011  284 ? r_bond_refined_d             ? ? 
'X-RAY DIFFRACTION' ? 0.007 0.020  134 ? r_bond_other_d               ? ? 
'X-RAY DIFFRACTION' ? 1.720 1.144  436 ? r_angle_refined_deg          ? ? 
'X-RAY DIFFRACTION' ? 1.739 3.000  318 ? r_angle_other_deg            ? ? 
'X-RAY DIFFRACTION' ? ?     ?      ?   ? r_dihedral_angle_1_deg       ? ? 
'X-RAY DIFFRACTION' ? ?     ?      ?   ? r_dihedral_angle_2_deg       ? ? 
'X-RAY DIFFRACTION' ? ?     ?      ?   ? r_dihedral_angle_3_deg       ? ? 
'X-RAY DIFFRACTION' ? ?     ?      ?   ? r_dihedral_angle_4_deg       ? ? 
'X-RAY DIFFRACTION' ? 0.102 0.200  36  ? r_chiral_restr               ? ? 
'X-RAY DIFFRACTION' ? 0.039 0.020  154 ? r_gen_planes_refined         ? ? 
'X-RAY DIFFRACTION' ? 0.008 0.020  64  ? r_gen_planes_other           ? ? 
'X-RAY DIFFRACTION' ? ?     ?      ?   ? r_nbd_refined                ? ? 
'X-RAY DIFFRACTION' ? ?     ?      ?   ? r_nbd_other                  ? ? 
'X-RAY DIFFRACTION' ? ?     ?      ?   ? r_nbtor_refined              ? ? 
'X-RAY DIFFRACTION' ? ?     ?      ?   ? r_nbtor_other                ? ? 
'X-RAY DIFFRACTION' ? ?     ?      ?   ? r_xyhbond_nbd_refined        ? ? 
'X-RAY DIFFRACTION' ? ?     ?      ?   ? r_xyhbond_nbd_other          ? ? 
'X-RAY DIFFRACTION' ? ?     ?      ?   ? r_metal_ion_refined          ? ? 
'X-RAY DIFFRACTION' ? ?     ?      ?   ? r_metal_ion_other            ? ? 
'X-RAY DIFFRACTION' ? ?     ?      ?   ? r_symmetry_vdw_refined       ? ? 
'X-RAY DIFFRACTION' ? ?     ?      ?   ? r_symmetry_vdw_other         ? ? 
'X-RAY DIFFRACTION' ? ?     ?      ?   ? r_symmetry_hbond_refined     ? ? 
'X-RAY DIFFRACTION' ? ?     ?      ?   ? r_symmetry_hbond_other       ? ? 
'X-RAY DIFFRACTION' ? ?     ?      ?   ? r_symmetry_metal_ion_refined ? ? 
'X-RAY DIFFRACTION' ? ?     ?      ?   ? r_symmetry_metal_ion_other   ? ? 
'X-RAY DIFFRACTION' ? ?     ?      ?   ? r_mcbond_it                  ? ? 
'X-RAY DIFFRACTION' ? ?     ?      ?   ? r_mcbond_other               ? ? 
'X-RAY DIFFRACTION' ? ?     ?      ?   ? r_mcangle_it                 ? ? 
'X-RAY DIFFRACTION' ? ?     ?      ?   ? r_mcangle_other              ? ? 
'X-RAY DIFFRACTION' ? 1.930 1.462  284 ? r_scbond_it                  ? ? 
'X-RAY DIFFRACTION' ? 1.933 1.464  283 ? r_scbond_other               ? ? 
'X-RAY DIFFRACTION' ? ?     ?      ?   ? r_scangle_it                 ? ? 
'X-RAY DIFFRACTION' ? 2.712 2.165  436 ? r_scangle_other              ? ? 
'X-RAY DIFFRACTION' ? 4.654 15.000 493 ? r_long_range_B_refined       ? ? 
'X-RAY DIFFRACTION' ? 4.156 14.514 468 ? r_long_range_B_other         ? ? 
'X-RAY DIFFRACTION' ? ?     ?      ?   ? r_rigid_bond_restr           ? ? 
'X-RAY DIFFRACTION' ? ?     ?      ?   ? r_sphericity_free            ? ? 
'X-RAY DIFFRACTION' ? ?     ?      ?   ? r_sphericity_bonded          ? ? 
# 
_refine_ls_shell.pdbx_refine_id                   'X-RAY DIFFRACTION' 
_refine_ls_shell.d_res_high                       1.500 
_refine_ls_shell.d_res_low                        1.539 
_refine_ls_shell.number_reflns_all                ? 
_refine_ls_shell.number_reflns_obs                ? 
_refine_ls_shell.number_reflns_R_free             29 
_refine_ls_shell.number_reflns_R_work             558 
_refine_ls_shell.percent_reflns_obs               93.17 
_refine_ls_shell.percent_reflns_R_free            ? 
_refine_ls_shell.R_factor_all                     ? 
_refine_ls_shell.R_factor_obs                     ? 
_refine_ls_shell.R_factor_R_free                  0.134 
_refine_ls_shell.R_factor_R_free_error            ? 
_refine_ls_shell.R_factor_R_work                  0.121 
_refine_ls_shell.redundancy_reflns_all            ? 
_refine_ls_shell.redundancy_reflns_obs            ? 
_refine_ls_shell.wR_factor_all                    ? 
_refine_ls_shell.wR_factor_obs                    ? 
_refine_ls_shell.wR_factor_R_free                 ? 
_refine_ls_shell.wR_factor_R_work                 ? 
_refine_ls_shell.pdbx_total_number_of_bins_used   20 
_refine_ls_shell.pdbx_phase_error                 ? 
# 
_struct.entry_id                     4U92 
_struct.title                        'Crystal structure of a DNA/Ba2+ G-quadruplex containing a water-mediated C-tetrad' 
_struct.pdbx_model_details           ? 
_struct.pdbx_formula_weight          ? 
_struct.pdbx_formula_weight_method   ? 
_struct.pdbx_model_type_details      ? 
_struct.pdbx_CASP_flag               ? 
# 
_struct_keywords.entry_id        4U92 
_struct_keywords.text            'DNA quadruplex Barium C-tetrad, DNA' 
_struct_keywords.pdbx_keywords   DNA 
# 
loop_
_struct_asym.id 
_struct_asym.pdbx_blank_PDB_chainid_flag 
_struct_asym.pdbx_modified 
_struct_asym.entity_id 
_struct_asym.details 
A N N 1 ? 
B N N 1 ? 
C N N 2 ? 
D N N 2 ? 
E N N 2 ? 
F N N 3 ? 
G N N 3 ? 
H N N 2 ? 
I N N 2 ? 
J N N 2 ? 
K N N 4 ? 
L N N 4 ? 
# 
_struct_ref.id                         1 
_struct_ref.db_name                    PDB 
_struct_ref.db_code                    4U92 
_struct_ref.pdbx_db_accession          4U92 
_struct_ref.pdbx_db_isoform            ? 
_struct_ref.entity_id                  1 
_struct_ref.pdbx_seq_one_letter_code   ? 
_struct_ref.pdbx_align_begin           1 
# 
loop_
_struct_ref_seq.align_id 
_struct_ref_seq.ref_id 
_struct_ref_seq.pdbx_PDB_id_code 
_struct_ref_seq.pdbx_strand_id 
_struct_ref_seq.seq_align_beg 
_struct_ref_seq.pdbx_seq_align_beg_ins_code 
_struct_ref_seq.seq_align_end 
_struct_ref_seq.pdbx_seq_align_end_ins_code 
_struct_ref_seq.pdbx_db_accession 
_struct_ref_seq.db_align_beg 
_struct_ref_seq.pdbx_db_align_beg_ins_code 
_struct_ref_seq.db_align_end 
_struct_ref_seq.pdbx_db_align_end_ins_code 
_struct_ref_seq.pdbx_auth_seq_align_beg 
_struct_ref_seq.pdbx_auth_seq_align_end 
1 1 4U92 A 1 ? 10 ? 4U92 1 ? 10 ? 1 10 
2 1 4U92 B 1 ? 10 ? 4U92 1 ? 10 ? 1 10 
# 
_pdbx_struct_assembly.id                   1 
_pdbx_struct_assembly.details              author_and_software_defined_assembly 
_pdbx_struct_assembly.method_details       PISA 
_pdbx_struct_assembly.oligomeric_details   octameric 
_pdbx_struct_assembly.oligomeric_count     8 
# 
loop_
_pdbx_struct_assembly_prop.biol_id 
_pdbx_struct_assembly_prop.type 
_pdbx_struct_assembly_prop.value 
_pdbx_struct_assembly_prop.details 
1 'ABSA (A^2)' 10320 ? 
1 MORE         -211  ? 
1 'SSA (A^2)'  4860  ? 
# 
_pdbx_struct_assembly_gen.assembly_id       1 
_pdbx_struct_assembly_gen.oper_expression   1,2,3,4 
_pdbx_struct_assembly_gen.asym_id_list      A,B,C,D,E,F,G,H,I,J,K,L 
# 
loop_
_pdbx_struct_oper_list.id 
_pdbx_struct_oper_list.type 
_pdbx_struct_oper_list.name 
_pdbx_struct_oper_list.symmetry_operation 
_pdbx_struct_oper_list.matrix[1][1] 
_pdbx_struct_oper_list.matrix[1][2] 
_pdbx_struct_oper_list.matrix[1][3] 
_pdbx_struct_oper_list.vector[1] 
_pdbx_struct_oper_list.matrix[2][1] 
_pdbx_struct_oper_list.matrix[2][2] 
_pdbx_struct_oper_list.matrix[2][3] 
_pdbx_struct_oper_list.vector[2] 
_pdbx_struct_oper_list.matrix[3][1] 
_pdbx_struct_oper_list.matrix[3][2] 
_pdbx_struct_oper_list.matrix[3][3] 
_pdbx_struct_oper_list.vector[3] 
1 'identity operation'         1_555 x,y,z       1.0000000000  0.0000000000  0.0000000000  0.0000000000  0.0000000000  1.0000000000 0.0000000000 0.0000000000  0.0000000000  0.0000000000 1.0000000000  0.0000000000  
2 'crystal symmetry operation' 2_665 -x+1,-y+1,z -0.9462298699 -0.2471936419 -0.2086727982 -1.8222434335 -0.2471936419 0.1364059651 0.9593167965 -8.8856842866 -0.2086727982 0.9593167965 -0.1901760952 10.0564252307 
3 'crystal symmetry operation' 3_655 -y+1,x,z    0.0268850651  0.5127301016  -0.8581287993 5.7062068077  -0.7599237435 0.5682029826 0.3156917399 -4.1981542013 0.6494560011  0.6436250566 0.4049119524  6.4434872210  
4 'crystal symmetry operation' 4_565 y,-x+1,z    0.0268850651  -0.7599237435 0.6494560011  -7.5284502412 0.5127301016  0.5682029826 0.6436250566 -4.6875300853 -0.8581287993 0.3156917399 0.4049119524  3.6129380098 
# 
loop_
_struct_conn.id 
_struct_conn.conn_type_id 
_struct_conn.pdbx_leaving_atom_flag 
_struct_conn.pdbx_PDB_id 
_struct_conn.ptnr1_label_asym_id 
_struct_conn.ptnr1_label_comp_id 
_struct_conn.ptnr1_label_seq_id 
_struct_conn.ptnr1_label_atom_id 
_struct_conn.pdbx_ptnr1_label_alt_id 
_struct_conn.pdbx_ptnr1_PDB_ins_code 
_struct_conn.pdbx_ptnr1_standard_comp_id 
_struct_conn.ptnr1_symmetry 
_struct_conn.ptnr2_label_asym_id 
_struct_conn.ptnr2_label_comp_id 
_struct_conn.ptnr2_label_seq_id 
_struct_conn.ptnr2_label_atom_id 
_struct_conn.pdbx_ptnr2_label_alt_id 
_struct_conn.pdbx_ptnr2_PDB_ins_code 
_struct_conn.ptnr1_auth_asym_id 
_struct_conn.ptnr1_auth_comp_id 
_struct_conn.ptnr1_auth_seq_id 
_struct_conn.ptnr2_auth_asym_id 
_struct_conn.ptnr2_auth_comp_id 
_struct_conn.ptnr2_auth_seq_id 
_struct_conn.ptnr2_symmetry 
_struct_conn.pdbx_ptnr3_label_atom_id 
_struct_conn.pdbx_ptnr3_label_seq_id 
_struct_conn.pdbx_ptnr3_label_comp_id 
_struct_conn.pdbx_ptnr3_label_asym_id 
_struct_conn.pdbx_ptnr3_label_alt_id 
_struct_conn.pdbx_ptnr3_PDB_ins_code 
_struct_conn.details 
_struct_conn.pdbx_dist_value 
_struct_conn.pdbx_value_order 
_struct_conn.pdbx_role 
metalc1  metalc ? ? A DG 5  O6  ? ? ? 1_555 E BA  .  BA  ? ? A DG 5   A BA  103 1_555 ? ? ? ? ? ? ? 2.579 ? ? 
metalc2  metalc ? ? A DG 5  O6  ? ? ? 1_555 E BA  .  BA  ? ? A DG 5   A BA  103 2_665 ? ? ? ? ? ? ? 2.577 ? ? 
metalc3  metalc ? ? A DG 7  O6  ? ? ? 1_555 D BA  .  BA  ? ? A DG 7   A BA  102 1_555 ? ? ? ? ? ? ? 2.717 ? ? 
metalc4  metalc ? ? A DG 7  O6  ? ? ? 1_555 D BA  .  BA  ? ? A DG 7   A BA  102 2_665 ? ? ? ? ? ? ? 2.716 ? ? 
metalc5  metalc ? ? A DG 9  O6  ? ? ? 1_555 C BA  .  BA  ? ? A DG 9   A BA  101 1_555 ? ? ? ? ? ? ? 2.721 ? ? 
metalc6  metalc ? ? A DG 9  O6  ? ? ? 1_555 C BA  .  BA  ? ? A DG 9   A BA  101 2_665 ? ? ? ? ? ? ? 2.721 ? ? 
metalc7  metalc ? ? A DG 9  OP1 ? ? ? 1_555 F MG  .  MG  ? ? A DG 9   A MG  104 1_555 ? ? ? ? ? ? ? 2.104 ? ? 
metalc8  metalc ? ? A DG 10 O6  ? ? ? 1_555 C BA  .  BA  ? ? A DG 10  A BA  101 1_555 ? ? ? ? ? ? ? 2.800 ? ? 
metalc9  metalc ? ? A DG 10 O6  ? ? ? 1_555 C BA  .  BA  ? ? A DG 10  A BA  101 2_665 ? ? ? ? ? ? ? 2.800 ? ? 
metalc10 metalc ? ? A DG 10 OP2 ? ? ? 1_555 F MG  .  MG  ? ? A DG 10  A MG  104 1_555 ? ? ? ? ? ? ? 1.986 ? ? 
metalc11 metalc ? ? D BA .  BA  ? ? ? 1_555 K HOH .  O   ? ? A BA 102 A HOH 204 1_555 ? ? ? ? ? ? ? 2.831 ? ? 
metalc12 metalc ? ? D BA .  BA  ? ? ? 1_555 K HOH .  O   ? ? A BA 102 A HOH 204 2_665 ? ? ? ? ? ? ? 2.831 ? ? 
metalc13 metalc ? ? D BA .  BA  ? ? ? 1_555 K HOH .  O   ? ? A BA 102 A HOH 214 1_555 ? ? ? ? ? ? ? 2.935 ? ? 
metalc14 metalc ? ? D BA .  BA  ? ? ? 1_555 K HOH .  O   ? ? A BA 102 A HOH 214 2_665 ? ? ? ? ? ? ? 2.935 ? ? 
metalc15 metalc ? ? E BA .  BA  ? ? ? 1_555 K HOH .  O   ? ? A BA 103 A HOH 204 1_555 ? ? ? ? ? ? ? 2.776 ? ? 
metalc16 metalc ? ? E BA .  BA  ? ? ? 1_555 K HOH .  O   ? ? A BA 103 A HOH 204 2_665 ? ? ? ? ? ? ? 2.776 ? ? 
metalc17 metalc ? ? F MG .  MG  ? ? ? 1_555 B DG  9  OP1 ? ? A MG 104 B DG  9   1_555 ? ? ? ? ? ? ? 2.079 ? ? 
metalc18 metalc ? ? F MG .  MG  ? ? ? 1_555 B DG  10 OP2 ? ? A MG 104 B DG  10  1_555 ? ? ? ? ? ? ? 2.032 ? ? 
metalc19 metalc ? ? F MG .  MG  ? ? ? 1_555 L HOH .  O   ? ? A MG 104 B HOH 204 1_555 ? ? ? ? ? ? ? 2.131 ? ? 
metalc20 metalc ? ? F MG .  MG  ? ? ? 1_555 L HOH .  O   ? ? A MG 104 B HOH 213 1_555 ? ? ? ? ? ? ? 2.094 ? ? 
metalc21 metalc ? ? G MG .  MG  ? ? ? 1_555 K HOH .  O   ? ? A MG 105 A HOH 201 3_645 ? ? ? ? ? ? ? 2.030 ? ? 
metalc22 metalc ? ? G MG .  MG  ? ? ? 1_555 K HOH .  O   ? ? A MG 105 A HOH 203 3_645 ? ? ? ? ? ? ? 1.962 ? ? 
metalc23 metalc ? ? B DG 5  O6  ? ? ? 1_555 J BA  .  BA  ? ? B DG 5   B BA  103 1_555 ? ? ? ? ? ? ? 2.656 ? ? 
metalc24 metalc ? ? B DG 5  O6  ? ? ? 1_555 J BA  .  BA  ? ? B DG 5   B BA  103 2_665 ? ? ? ? ? ? ? 2.657 ? ? 
metalc25 metalc ? ? B DG 7  O6  ? ? ? 1_555 H BA  .  BA  ? ? B DG 7   B BA  101 1_555 ? ? ? ? ? ? ? 2.682 ? ? 
metalc26 metalc ? ? B DG 7  O6  ? ? ? 1_555 H BA  .  BA  ? ? B DG 7   B BA  101 2_665 ? ? ? ? ? ? ? 2.683 ? ? 
metalc27 metalc ? ? B DG 9  O6  ? ? ? 1_555 I BA  .  BA  ? ? B DG 9   B BA  102 1_555 ? ? ? ? ? ? ? 2.729 ? ? 
metalc28 metalc ? ? B DG 9  O6  ? ? ? 1_555 I BA  .  BA  ? ? B DG 9   B BA  102 2_665 ? ? ? ? ? ? ? 2.729 ? ? 
metalc29 metalc ? ? B DG 10 O6  ? ? ? 1_555 I BA  .  BA  ? ? B DG 10  B BA  102 1_555 ? ? ? ? ? ? ? 2.762 ? ? 
metalc30 metalc ? ? B DG 10 O6  ? ? ? 1_555 I BA  .  BA  ? ? B DG 10  B BA  102 2_665 ? ? ? ? ? ? ? 2.762 ? ? 
metalc31 metalc ? ? H BA .  BA  ? ? ? 1_555 L HOH .  O   ? ? B BA 101 B HOH 202 1_555 ? ? ? ? ? ? ? 2.822 ? ? 
metalc32 metalc ? ? H BA .  BA  ? ? ? 1_555 L HOH .  O   ? ? B BA 101 B HOH 202 2_665 ? ? ? ? ? ? ? 2.823 ? ? 
metalc33 metalc ? ? H BA .  BA  ? ? ? 1_555 L HOH .  O   ? ? B BA 101 B HOH 220 1_555 ? ? ? ? ? ? ? 3.048 ? ? 
metalc34 metalc ? ? H BA .  BA  ? ? ? 1_555 L HOH .  O   ? ? B BA 101 B HOH 220 2_665 ? ? ? ? ? ? ? 3.048 ? ? 
metalc35 metalc ? ? J BA .  BA  ? ? ? 1_555 L HOH .  O   ? ? B BA 103 B HOH 202 1_555 ? ? ? ? ? ? ? 2.759 ? ? 
metalc36 metalc ? ? J BA .  BA  ? ? ? 1_555 L HOH .  O   ? ? B BA 103 B HOH 202 2_665 ? ? ? ? ? ? ? 2.760 ? ? 
# 
_struct_conn_type.id          metalc 
_struct_conn_type.criteria    ? 
_struct_conn_type.reference   ? 
# 
loop_
_pdbx_struct_conn_angle.id 
_pdbx_struct_conn_angle.ptnr1_label_atom_id 
_pdbx_struct_conn_angle.ptnr1_label_alt_id 
_pdbx_struct_conn_angle.ptnr1_label_asym_id 
_pdbx_struct_conn_angle.ptnr1_label_comp_id 
_pdbx_struct_conn_angle.ptnr1_label_seq_id 
_pdbx_struct_conn_angle.ptnr1_auth_atom_id 
_pdbx_struct_conn_angle.ptnr1_auth_asym_id 
_pdbx_struct_conn_angle.ptnr1_auth_comp_id 
_pdbx_struct_conn_angle.ptnr1_auth_seq_id 
_pdbx_struct_conn_angle.ptnr1_PDB_ins_code 
_pdbx_struct_conn_angle.ptnr1_symmetry 
_pdbx_struct_conn_angle.ptnr2_label_atom_id 
_pdbx_struct_conn_angle.ptnr2_label_alt_id 
_pdbx_struct_conn_angle.ptnr2_label_asym_id 
_pdbx_struct_conn_angle.ptnr2_label_comp_id 
_pdbx_struct_conn_angle.ptnr2_label_seq_id 
_pdbx_struct_conn_angle.ptnr2_auth_atom_id 
_pdbx_struct_conn_angle.ptnr2_auth_asym_id 
_pdbx_struct_conn_angle.ptnr2_auth_comp_id 
_pdbx_struct_conn_angle.ptnr2_auth_seq_id 
_pdbx_struct_conn_angle.ptnr2_PDB_ins_code 
_pdbx_struct_conn_angle.ptnr2_symmetry 
_pdbx_struct_conn_angle.ptnr3_label_atom_id 
_pdbx_struct_conn_angle.ptnr3_label_alt_id 
_pdbx_struct_conn_angle.ptnr3_label_asym_id 
_pdbx_struct_conn_angle.ptnr3_label_comp_id 
_pdbx_struct_conn_angle.ptnr3_label_seq_id 
_pdbx_struct_conn_angle.ptnr3_auth_atom_id 
_pdbx_struct_conn_angle.ptnr3_auth_asym_id 
_pdbx_struct_conn_angle.ptnr3_auth_comp_id 
_pdbx_struct_conn_angle.ptnr3_auth_seq_id 
_pdbx_struct_conn_angle.ptnr3_PDB_ins_code 
_pdbx_struct_conn_angle.ptnr3_symmetry 
_pdbx_struct_conn_angle.value 
_pdbx_struct_conn_angle.value_esd 
1  O6  ? A DG  5  ? A DG  5   ? 1_555 BA ? E BA . ? A BA 103 ? 1_555 O6  ? A DG  5  ? A DG  5   ? 1_555 0.0   ? 
2  O6  ? A DG  5  ? A DG  5   ? 1_555 BA ? E BA . ? A BA 103 ? 1_555 O   ? K HOH .  ? A HOH 204 ? 1_555 92.6  ? 
3  O6  ? A DG  5  ? A DG  5   ? 1_555 BA ? E BA . ? A BA 103 ? 1_555 O   ? K HOH .  ? A HOH 204 ? 1_555 92.6  ? 
4  O6  ? A DG  5  ? A DG  5   ? 1_555 BA ? E BA . ? A BA 103 ? 1_555 O   ? K HOH .  ? A HOH 204 ? 2_665 128.3 ? 
5  O6  ? A DG  5  ? A DG  5   ? 1_555 BA ? E BA . ? A BA 103 ? 1_555 O   ? K HOH .  ? A HOH 204 ? 2_665 128.3 ? 
6  O   ? K HOH .  ? A HOH 204 ? 1_555 BA ? E BA . ? A BA 103 ? 1_555 O   ? K HOH .  ? A HOH 204 ? 2_665 93.8  ? 
7  O6  ? A DG  7  ? A DG  7   ? 1_555 BA ? D BA . ? A BA 102 ? 1_555 O6  ? A DG  7  ? A DG  7   ? 1_555 0.0   ? 
8  O6  ? A DG  7  ? A DG  7   ? 1_555 BA ? D BA . ? A BA 102 ? 1_555 O   ? K HOH .  ? A HOH 204 ? 1_555 73.7  ? 
9  O6  ? A DG  7  ? A DG  7   ? 1_555 BA ? D BA . ? A BA 102 ? 1_555 O   ? K HOH .  ? A HOH 204 ? 1_555 73.7  ? 
10 O6  ? A DG  7  ? A DG  7   ? 1_555 BA ? D BA . ? A BA 102 ? 1_555 O   ? K HOH .  ? A HOH 204 ? 2_665 160.6 ? 
11 O6  ? A DG  7  ? A DG  7   ? 1_555 BA ? D BA . ? A BA 102 ? 1_555 O   ? K HOH .  ? A HOH 204 ? 2_665 160.6 ? 
12 O   ? K HOH .  ? A HOH 204 ? 1_555 BA ? D BA . ? A BA 102 ? 1_555 O   ? K HOH .  ? A HOH 204 ? 2_665 91.4  ? 
13 O6  ? A DG  7  ? A DG  7   ? 1_555 BA ? D BA . ? A BA 102 ? 1_555 O   ? K HOH .  ? A HOH 214 ? 1_555 61.7  ? 
14 O6  ? A DG  7  ? A DG  7   ? 1_555 BA ? D BA . ? A BA 102 ? 1_555 O   ? K HOH .  ? A HOH 214 ? 1_555 61.7  ? 
15 O   ? K HOH .  ? A HOH 204 ? 1_555 BA ? D BA . ? A BA 102 ? 1_555 O   ? K HOH .  ? A HOH 214 ? 1_555 134.3 ? 
16 O   ? K HOH .  ? A HOH 204 ? 2_665 BA ? D BA . ? A BA 102 ? 1_555 O   ? K HOH .  ? A HOH 214 ? 1_555 134.3 ? 
17 O6  ? A DG  7  ? A DG  7   ? 1_555 BA ? D BA . ? A BA 102 ? 1_555 O   ? K HOH .  ? A HOH 214 ? 2_665 61.7  ? 
18 O6  ? A DG  7  ? A DG  7   ? 1_555 BA ? D BA . ? A BA 102 ? 1_555 O   ? K HOH .  ? A HOH 214 ? 2_665 61.7  ? 
19 O   ? K HOH .  ? A HOH 204 ? 1_555 BA ? D BA . ? A BA 102 ? 1_555 O   ? K HOH .  ? A HOH 214 ? 2_665 134.3 ? 
20 O   ? K HOH .  ? A HOH 204 ? 2_665 BA ? D BA . ? A BA 102 ? 1_555 O   ? K HOH .  ? A HOH 214 ? 2_665 134.3 ? 
21 O   ? K HOH .  ? A HOH 214 ? 1_555 BA ? D BA . ? A BA 102 ? 1_555 O   ? K HOH .  ? A HOH 214 ? 2_665 0.0   ? 
22 O6  ? A DG  9  ? A DG  9   ? 1_555 BA ? C BA . ? A BA 101 ? 1_555 O6  ? A DG  9  ? A DG  9   ? 1_555 0.0   ? 
23 O6  ? A DG  9  ? A DG  9   ? 1_555 BA ? C BA . ? A BA 101 ? 1_555 O6  ? A DG  10 ? A DG  10  ? 1_555 72.1  ? 
24 O6  ? A DG  9  ? A DG  9   ? 1_555 BA ? C BA . ? A BA 101 ? 1_555 O6  ? A DG  10 ? A DG  10  ? 1_555 72.1  ? 
25 O6  ? A DG  9  ? A DG  9   ? 1_555 BA ? C BA . ? A BA 101 ? 1_555 O6  ? A DG  10 ? A DG  10  ? 1_555 72.1  ? 
26 O6  ? A DG  9  ? A DG  9   ? 1_555 BA ? C BA . ? A BA 101 ? 1_555 O6  ? A DG  10 ? A DG  10  ? 1_555 72.1  ? 
27 O6  ? A DG  10 ? A DG  10  ? 1_555 BA ? C BA . ? A BA 101 ? 1_555 O6  ? A DG  10 ? A DG  10  ? 1_555 0.0   ? 
28 OP1 ? A DG  9  ? A DG  9   ? 1_555 MG ? F MG . ? A MG 104 ? 1_555 OP2 ? A DG  10 ? A DG  10  ? 1_555 89.9  ? 
29 OP1 ? A DG  9  ? A DG  9   ? 1_555 MG ? F MG . ? A MG 104 ? 1_555 OP1 ? B DG  9  ? B DG  9   ? 1_555 177.3 ? 
30 OP2 ? A DG  10 ? A DG  10  ? 1_555 MG ? F MG . ? A MG 104 ? 1_555 OP1 ? B DG  9  ? B DG  9   ? 1_555 92.4  ? 
31 OP1 ? A DG  9  ? A DG  9   ? 1_555 MG ? F MG . ? A MG 104 ? 1_555 OP2 ? B DG  10 ? B DG  10  ? 1_555 90.4  ? 
32 OP2 ? A DG  10 ? A DG  10  ? 1_555 MG ? F MG . ? A MG 104 ? 1_555 OP2 ? B DG  10 ? B DG  10  ? 1_555 178.6 ? 
33 OP1 ? B DG  9  ? B DG  9   ? 1_555 MG ? F MG . ? A MG 104 ? 1_555 OP2 ? B DG  10 ? B DG  10  ? 1_555 87.4  ? 
34 OP1 ? A DG  9  ? A DG  9   ? 1_555 MG ? F MG . ? A MG 104 ? 1_555 O   ? L HOH .  ? B HOH 204 ? 1_555 86.2  ? 
35 OP2 ? A DG  10 ? A DG  10  ? 1_555 MG ? F MG . ? A MG 104 ? 1_555 O   ? L HOH .  ? B HOH 204 ? 1_555 93.0  ? 
36 OP1 ? B DG  9  ? B DG  9   ? 1_555 MG ? F MG . ? A MG 104 ? 1_555 O   ? L HOH .  ? B HOH 204 ? 1_555 92.2  ? 
37 OP2 ? B DG  10 ? B DG  10  ? 1_555 MG ? F MG . ? A MG 104 ? 1_555 O   ? L HOH .  ? B HOH 204 ? 1_555 88.4  ? 
38 OP1 ? A DG  9  ? A DG  9   ? 1_555 MG ? F MG . ? A MG 104 ? 1_555 O   ? L HOH .  ? B HOH 213 ? 1_555 91.2  ? 
39 OP2 ? A DG  10 ? A DG  10  ? 1_555 MG ? F MG . ? A MG 104 ? 1_555 O   ? L HOH .  ? B HOH 213 ? 1_555 90.0  ? 
40 OP1 ? B DG  9  ? B DG  9   ? 1_555 MG ? F MG . ? A MG 104 ? 1_555 O   ? L HOH .  ? B HOH 213 ? 1_555 90.3  ? 
41 OP2 ? B DG  10 ? B DG  10  ? 1_555 MG ? F MG . ? A MG 104 ? 1_555 O   ? L HOH .  ? B HOH 213 ? 1_555 88.6  ? 
42 O   ? L HOH .  ? B HOH 204 ? 1_555 MG ? F MG . ? A MG 104 ? 1_555 O   ? L HOH .  ? B HOH 213 ? 1_555 176.0 ? 
43 O   ? K HOH .  ? A HOH 201 ? 3_645 MG ? G MG . ? A MG 105 ? 1_555 O   ? K HOH .  ? A HOH 203 ? 3_645 81.6  ? 
44 O6  ? B DG  5  ? B DG  5   ? 1_555 BA ? J BA . ? B BA 103 ? 1_555 O6  ? B DG  5  ? B DG  5   ? 1_555 0.0   ? 
45 O6  ? B DG  5  ? B DG  5   ? 1_555 BA ? J BA . ? B BA 103 ? 1_555 O   ? L HOH .  ? B HOH 202 ? 1_555 93.8  ? 
46 O6  ? B DG  5  ? B DG  5   ? 1_555 BA ? J BA . ? B BA 103 ? 1_555 O   ? L HOH .  ? B HOH 202 ? 1_555 93.8  ? 
47 O6  ? B DG  5  ? B DG  5   ? 1_555 BA ? J BA . ? B BA 103 ? 1_555 O   ? L HOH .  ? B HOH 202 ? 2_665 128.6 ? 
48 O6  ? B DG  5  ? B DG  5   ? 1_555 BA ? J BA . ? B BA 103 ? 1_555 O   ? L HOH .  ? B HOH 202 ? 2_665 128.6 ? 
49 O   ? L HOH .  ? B HOH 202 ? 1_555 BA ? J BA . ? B BA 103 ? 1_555 O   ? L HOH .  ? B HOH 202 ? 2_665 94.0  ? 
50 O6  ? B DG  7  ? B DG  7   ? 1_555 BA ? H BA . ? B BA 101 ? 1_555 O6  ? B DG  7  ? B DG  7   ? 1_555 0.0   ? 
51 O6  ? B DG  7  ? B DG  7   ? 1_555 BA ? H BA . ? B BA 101 ? 1_555 O   ? L HOH .  ? B HOH 202 ? 1_555 72.9  ? 
52 O6  ? B DG  7  ? B DG  7   ? 1_555 BA ? H BA . ? B BA 101 ? 1_555 O   ? L HOH .  ? B HOH 202 ? 1_555 72.9  ? 
53 O6  ? B DG  7  ? B DG  7   ? 1_555 BA ? H BA . ? B BA 101 ? 1_555 O   ? L HOH .  ? B HOH 202 ? 2_665 161.1 ? 
54 O6  ? B DG  7  ? B DG  7   ? 1_555 BA ? H BA . ? B BA 101 ? 1_555 O   ? L HOH .  ? B HOH 202 ? 2_665 161.1 ? 
55 O   ? L HOH .  ? B HOH 202 ? 1_555 BA ? H BA . ? B BA 101 ? 1_555 O   ? L HOH .  ? B HOH 202 ? 2_665 91.3  ? 
56 O6  ? B DG  7  ? B DG  7   ? 1_555 BA ? H BA . ? B BA 101 ? 1_555 O   ? L HOH .  ? B HOH 220 ? 1_555 62.2  ? 
57 O6  ? B DG  7  ? B DG  7   ? 1_555 BA ? H BA . ? B BA 101 ? 1_555 O   ? L HOH .  ? B HOH 220 ? 1_555 62.2  ? 
58 O   ? L HOH .  ? B HOH 202 ? 1_555 BA ? H BA . ? B BA 101 ? 1_555 O   ? L HOH .  ? B HOH 220 ? 1_555 134.4 ? 
59 O   ? L HOH .  ? B HOH 202 ? 2_665 BA ? H BA . ? B BA 101 ? 1_555 O   ? L HOH .  ? B HOH 220 ? 1_555 134.3 ? 
60 O6  ? B DG  7  ? B DG  7   ? 1_555 BA ? H BA . ? B BA 101 ? 1_555 O   ? L HOH .  ? B HOH 220 ? 2_665 62.2  ? 
61 O6  ? B DG  7  ? B DG  7   ? 1_555 BA ? H BA . ? B BA 101 ? 1_555 O   ? L HOH .  ? B HOH 220 ? 2_665 62.2  ? 
62 O   ? L HOH .  ? B HOH 202 ? 1_555 BA ? H BA . ? B BA 101 ? 1_555 O   ? L HOH .  ? B HOH 220 ? 2_665 134.4 ? 
63 O   ? L HOH .  ? B HOH 202 ? 2_665 BA ? H BA . ? B BA 101 ? 1_555 O   ? L HOH .  ? B HOH 220 ? 2_665 134.3 ? 
64 O   ? L HOH .  ? B HOH 220 ? 1_555 BA ? H BA . ? B BA 101 ? 1_555 O   ? L HOH .  ? B HOH 220 ? 2_665 0.0   ? 
65 O6  ? B DG  9  ? B DG  9   ? 1_555 BA ? I BA . ? B BA 102 ? 1_555 O6  ? B DG  9  ? B DG  9   ? 1_555 0.0   ? 
66 O6  ? B DG  9  ? B DG  9   ? 1_555 BA ? I BA . ? B BA 102 ? 1_555 O6  ? B DG  10 ? B DG  10  ? 1_555 69.8  ? 
67 O6  ? B DG  9  ? B DG  9   ? 1_555 BA ? I BA . ? B BA 102 ? 1_555 O6  ? B DG  10 ? B DG  10  ? 1_555 69.8  ? 
68 O6  ? B DG  9  ? B DG  9   ? 1_555 BA ? I BA . ? B BA 102 ? 1_555 O6  ? B DG  10 ? B DG  10  ? 1_555 69.8  ? 
69 O6  ? B DG  9  ? B DG  9   ? 1_555 BA ? I BA . ? B BA 102 ? 1_555 O6  ? B DG  10 ? B DG  10  ? 1_555 69.8  ? 
70 O6  ? B DG  10 ? B DG  10  ? 1_555 BA ? I BA . ? B BA 102 ? 1_555 O6  ? B DG  10 ? B DG  10  ? 1_555 0.0   ? 
# 
loop_
_struct_site.id 
_struct_site.pdbx_evidence_code 
_struct_site.pdbx_auth_asym_id 
_struct_site.pdbx_auth_comp_id 
_struct_site.pdbx_auth_seq_id 
_struct_site.pdbx_auth_ins_code 
_struct_site.pdbx_num_residues 
_struct_site.details 
AC1 Software A BA 101 ? 8  'binding site for residue BA A 101' 
AC2 Software A BA 102 ? 12 'binding site for residue BA A 102' 
AC3 Software A BA 103 ? 8  'binding site for residue BA A 103' 
AC4 Software A MG 104 ? 6  'binding site for residue MG A 104' 
AC5 Software A MG 105 ? 4  'binding site for residue MG A 105' 
AC6 Software B BA 101 ? 12 'binding site for residue BA B 101' 
AC7 Software B BA 102 ? 8  'binding site for residue BA B 102' 
AC8 Software B BA 103 ? 8  'binding site for residue BA B 103' 
# 
loop_
_struct_site_gen.id 
_struct_site_gen.site_id 
_struct_site_gen.pdbx_num_res 
_struct_site_gen.label_comp_id 
_struct_site_gen.label_asym_id 
_struct_site_gen.label_seq_id 
_struct_site_gen.pdbx_auth_ins_code 
_struct_site_gen.auth_comp_id 
_struct_site_gen.auth_asym_id 
_struct_site_gen.auth_seq_id 
_struct_site_gen.label_atom_id 
_struct_site_gen.label_alt_id 
_struct_site_gen.symmetry 
_struct_site_gen.details 
1  AC1 8  DG  A 9  ? DG  A 9   . ? 1_555 ? 
2  AC1 8  DG  A 9  ? DG  A 9   . ? 4_565 ? 
3  AC1 8  DG  A 9  ? DG  A 9   . ? 3_655 ? 
4  AC1 8  DG  A 9  ? DG  A 9   . ? 2_665 ? 
5  AC1 8  DG  A 10 ? DG  A 10  . ? 4_565 ? 
6  AC1 8  DG  A 10 ? DG  A 10  . ? 3_655 ? 
7  AC1 8  DG  A 10 ? DG  A 10  . ? 2_665 ? 
8  AC1 8  DG  A 10 ? DG  A 10  . ? 1_555 ? 
9  AC2 12 DG  A 7  ? DG  A 7   . ? 2_665 ? 
10 AC2 12 DG  A 7  ? DG  A 7   . ? 4_565 ? 
11 AC2 12 DG  A 7  ? DG  A 7   . ? 3_655 ? 
12 AC2 12 DG  A 7  ? DG  A 7   . ? 1_555 ? 
13 AC2 12 HOH K .  ? HOH A 204 . ? 4_565 ? 
14 AC2 12 HOH K .  ? HOH A 204 . ? 3_655 ? 
15 AC2 12 HOH K .  ? HOH A 204 . ? 2_665 ? 
16 AC2 12 HOH K .  ? HOH A 204 . ? 1_555 ? 
17 AC2 12 HOH K .  ? HOH A 214 . ? 4_565 ? 
18 AC2 12 HOH K .  ? HOH A 214 . ? 3_655 ? 
19 AC2 12 HOH K .  ? HOH A 214 . ? 2_665 ? 
20 AC2 12 HOH K .  ? HOH A 214 . ? 1_555 ? 
21 AC3 8  DG  A 5  ? DG  A 5   . ? 4_565 ? 
22 AC3 8  DG  A 5  ? DG  A 5   . ? 3_655 ? 
23 AC3 8  DG  A 5  ? DG  A 5   . ? 2_665 ? 
24 AC3 8  DG  A 5  ? DG  A 5   . ? 1_555 ? 
25 AC3 8  HOH K .  ? HOH A 204 . ? 4_565 ? 
26 AC3 8  HOH K .  ? HOH A 204 . ? 3_655 ? 
27 AC3 8  HOH K .  ? HOH A 204 . ? 2_665 ? 
28 AC3 8  HOH K .  ? HOH A 204 . ? 1_555 ? 
29 AC4 6  DG  A 9  ? DG  A 9   . ? 1_555 ? 
30 AC4 6  DG  A 10 ? DG  A 10  . ? 1_555 ? 
31 AC4 6  DG  B 9  ? DG  B 9   . ? 1_555 ? 
32 AC4 6  DG  B 10 ? DG  B 10  . ? 1_555 ? 
33 AC4 6  HOH L .  ? HOH B 204 . ? 1_555 ? 
34 AC4 6  HOH L .  ? HOH B 213 . ? 1_555 ? 
35 AC5 4  HOH K .  ? HOH A 201 . ? 3_645 ? 
36 AC5 4  HOH K .  ? HOH A 201 . ? 4_565 ? 
37 AC5 4  HOH K .  ? HOH A 203 . ? 4_565 ? 
38 AC5 4  HOH K .  ? HOH A 203 . ? 3_645 ? 
39 AC6 12 DG  B 7  ? DG  B 7   . ? 1_555 ? 
40 AC6 12 DG  B 7  ? DG  B 7   . ? 2_665 ? 
41 AC6 12 DG  B 7  ? DG  B 7   . ? 4_565 ? 
42 AC6 12 DG  B 7  ? DG  B 7   . ? 3_655 ? 
43 AC6 12 HOH L .  ? HOH B 202 . ? 4_565 ? 
44 AC6 12 HOH L .  ? HOH B 202 . ? 1_555 ? 
45 AC6 12 HOH L .  ? HOH B 202 . ? 2_665 ? 
46 AC6 12 HOH L .  ? HOH B 202 . ? 3_655 ? 
47 AC6 12 HOH L .  ? HOH B 220 . ? 2_665 ? 
48 AC6 12 HOH L .  ? HOH B 220 . ? 3_655 ? 
49 AC6 12 HOH L .  ? HOH B 220 . ? 4_565 ? 
50 AC6 12 HOH L .  ? HOH B 220 . ? 1_555 ? 
51 AC7 8  DG  B 9  ? DG  B 9   . ? 4_565 ? 
52 AC7 8  DG  B 9  ? DG  B 9   . ? 1_555 ? 
53 AC7 8  DG  B 9  ? DG  B 9   . ? 2_665 ? 
54 AC7 8  DG  B 9  ? DG  B 9   . ? 3_655 ? 
55 AC7 8  DG  B 10 ? DG  B 10  . ? 3_655 ? 
56 AC7 8  DG  B 10 ? DG  B 10  . ? 4_565 ? 
57 AC7 8  DG  B 10 ? DG  B 10  . ? 1_555 ? 
58 AC7 8  DG  B 10 ? DG  B 10  . ? 2_665 ? 
59 AC8 8  DG  B 5  ? DG  B 5   . ? 1_555 ? 
60 AC8 8  DG  B 5  ? DG  B 5   . ? 2_665 ? 
61 AC8 8  DG  B 5  ? DG  B 5   . ? 4_565 ? 
62 AC8 8  DG  B 5  ? DG  B 5   . ? 3_655 ? 
63 AC8 8  HOH L .  ? HOH B 202 . ? 2_665 ? 
64 AC8 8  HOH L .  ? HOH B 202 . ? 3_655 ? 
65 AC8 8  HOH L .  ? HOH B 202 . ? 4_565 ? 
66 AC8 8  HOH L .  ? HOH B 202 . ? 1_555 ? 
# 
loop_
_pdbx_validate_rmsd_angle.id 
_pdbx_validate_rmsd_angle.PDB_model_num 
_pdbx_validate_rmsd_angle.auth_atom_id_1 
_pdbx_validate_rmsd_angle.auth_asym_id_1 
_pdbx_validate_rmsd_angle.auth_comp_id_1 
_pdbx_validate_rmsd_angle.auth_seq_id_1 
_pdbx_validate_rmsd_angle.PDB_ins_code_1 
_pdbx_validate_rmsd_angle.label_alt_id_1 
_pdbx_validate_rmsd_angle.auth_atom_id_2 
_pdbx_validate_rmsd_angle.auth_asym_id_2 
_pdbx_validate_rmsd_angle.auth_comp_id_2 
_pdbx_validate_rmsd_angle.auth_seq_id_2 
_pdbx_validate_rmsd_angle.PDB_ins_code_2 
_pdbx_validate_rmsd_angle.label_alt_id_2 
_pdbx_validate_rmsd_angle.auth_atom_id_3 
_pdbx_validate_rmsd_angle.auth_asym_id_3 
_pdbx_validate_rmsd_angle.auth_comp_id_3 
_pdbx_validate_rmsd_angle.auth_seq_id_3 
_pdbx_validate_rmsd_angle.PDB_ins_code_3 
_pdbx_validate_rmsd_angle.label_alt_id_3 
_pdbx_validate_rmsd_angle.angle_value 
_pdbx_validate_rmsd_angle.angle_target_value 
_pdbx_validate_rmsd_angle.angle_deviation 
_pdbx_validate_rmsd_angle.angle_standard_deviation 
_pdbx_validate_rmsd_angle.linker_flag 
1 1 "O5'" A DG 5 ? ? P     A DG 5 ? ? OP1   A DG 5 ? ? 99.96  105.70 -5.74 0.90 N 
2 1 "O5'" A DG 5 ? ? P     A DG 5 ? ? OP2   A DG 5 ? ? 97.12  105.70 -8.58 0.90 N 
3 1 "O4'" A DT 8 ? ? "C4'" A DT 8 ? ? "C3'" A DT 8 ? ? 101.36 104.50 -3.14 0.40 N 
4 1 "O5'" B DG 5 ? ? P     B DG 5 ? ? OP1   B DG 5 ? ? 99.20  105.70 -6.50 0.90 N 
5 1 "O5'" B DG 5 ? ? P     B DG 5 ? ? OP2   B DG 5 ? ? 100.29 105.70 -5.41 0.90 N 
# 
loop_
_pdbx_validate_planes.id 
_pdbx_validate_planes.PDB_model_num 
_pdbx_validate_planes.auth_comp_id 
_pdbx_validate_planes.auth_asym_id 
_pdbx_validate_planes.auth_seq_id 
_pdbx_validate_planes.PDB_ins_code 
_pdbx_validate_planes.label_alt_id 
_pdbx_validate_planes.rmsd 
_pdbx_validate_planes.type 
1 1 DG A 9 ? ? 0.077 'SIDE CHAIN' 
2 1 DG B 9 ? ? 0.073 'SIDE CHAIN' 
# 
loop_
_pdbx_struct_special_symmetry.id 
_pdbx_struct_special_symmetry.PDB_model_num 
_pdbx_struct_special_symmetry.auth_asym_id 
_pdbx_struct_special_symmetry.auth_comp_id 
_pdbx_struct_special_symmetry.auth_seq_id 
_pdbx_struct_special_symmetry.PDB_ins_code 
_pdbx_struct_special_symmetry.label_asym_id 
_pdbx_struct_special_symmetry.label_comp_id 
_pdbx_struct_special_symmetry.label_seq_id 
1 1 A BA  101 ? C BA  . 
2 1 A BA  102 ? D BA  . 
3 1 A BA  103 ? E BA  . 
4 1 A MG  105 ? G MG  . 
5 1 B BA  101 ? H BA  . 
6 1 B BA  102 ? I BA  . 
7 1 B BA  103 ? J BA  . 
8 1 A HOH 214 ? K HOH . 
9 1 B HOH 220 ? L HOH . 
# 
loop_
_pdbx_unobs_or_zero_occ_residues.id 
_pdbx_unobs_or_zero_occ_residues.PDB_model_num 
_pdbx_unobs_or_zero_occ_residues.polymer_flag 
_pdbx_unobs_or_zero_occ_residues.occupancy_flag 
_pdbx_unobs_or_zero_occ_residues.auth_asym_id 
_pdbx_unobs_or_zero_occ_residues.auth_comp_id 
_pdbx_unobs_or_zero_occ_residues.auth_seq_id 
_pdbx_unobs_or_zero_occ_residues.PDB_ins_code 
_pdbx_unobs_or_zero_occ_residues.label_asym_id 
_pdbx_unobs_or_zero_occ_residues.label_comp_id 
_pdbx_unobs_or_zero_occ_residues.label_seq_id 
1 1 Y 1 A DC  1 ? A DC  1 
2 1 Y 1 A DC  2 ? A DC  2 
3 1 Y 1 A DA  3 ? A DA  3 
4 1 Y 1 A CNV 4 ? A CNV 4 
5 1 Y 1 B DC  1 ? B DC  1 
6 1 Y 1 B DC  2 ? B DC  2 
7 1 Y 1 B DA  3 ? B DA  3 
8 1 Y 1 B CNV 4 ? B CNV 4 
# 
loop_
_chem_comp_atom.comp_id 
_chem_comp_atom.atom_id 
_chem_comp_atom.type_symbol 
_chem_comp_atom.pdbx_aromatic_flag 
_chem_comp_atom.pdbx_stereo_config 
_chem_comp_atom.pdbx_ordinal 
BA  BA     BA N N 1   
CNV NAB    N  N N 2   
CNV CAC    C  N N 3   
CNV CAD    C  N N 4   
CNV CAA    C  N N 5   
CNV HAD    H  N N 6   
CNV HAA1   H  N N 7   
CNV HAA2   H  N N 8   
CNV HAA3   H  N N 9   
CNV HXT    H  N N 10  
DA  OP3    O  N N 11  
DA  P      P  N N 12  
DA  OP1    O  N N 13  
DA  OP2    O  N N 14  
DA  "O5'"  O  N N 15  
DA  "C5'"  C  N N 16  
DA  "C4'"  C  N R 17  
DA  "O4'"  O  N N 18  
DA  "C3'"  C  N S 19  
DA  "O3'"  O  N N 20  
DA  "C2'"  C  N N 21  
DA  "C1'"  C  N R 22  
DA  N9     N  Y N 23  
DA  C8     C  Y N 24  
DA  N7     N  Y N 25  
DA  C5     C  Y N 26  
DA  C6     C  Y N 27  
DA  N6     N  N N 28  
DA  N1     N  Y N 29  
DA  C2     C  Y N 30  
DA  N3     N  Y N 31  
DA  C4     C  Y N 32  
DA  HOP3   H  N N 33  
DA  HOP2   H  N N 34  
DA  "H5'"  H  N N 35  
DA  "H5''" H  N N 36  
DA  "H4'"  H  N N 37  
DA  "H3'"  H  N N 38  
DA  "HO3'" H  N N 39  
DA  "H2'"  H  N N 40  
DA  "H2''" H  N N 41  
DA  "H1'"  H  N N 42  
DA  H8     H  N N 43  
DA  H61    H  N N 44  
DA  H62    H  N N 45  
DA  H2     H  N N 46  
DC  OP3    O  N N 47  
DC  P      P  N N 48  
DC  OP1    O  N N 49  
DC  OP2    O  N N 50  
DC  "O5'"  O  N N 51  
DC  "C5'"  C  N N 52  
DC  "C4'"  C  N R 53  
DC  "O4'"  O  N N 54  
DC  "C3'"  C  N S 55  
DC  "O3'"  O  N N 56  
DC  "C2'"  C  N N 57  
DC  "C1'"  C  N R 58  
DC  N1     N  N N 59  
DC  C2     C  N N 60  
DC  O2     O  N N 61  
DC  N3     N  N N 62  
DC  C4     C  N N 63  
DC  N4     N  N N 64  
DC  C5     C  N N 65  
DC  C6     C  N N 66  
DC  HOP3   H  N N 67  
DC  HOP2   H  N N 68  
DC  "H5'"  H  N N 69  
DC  "H5''" H  N N 70  
DC  "H4'"  H  N N 71  
DC  "H3'"  H  N N 72  
DC  "HO3'" H  N N 73  
DC  "H2'"  H  N N 74  
DC  "H2''" H  N N 75  
DC  "H1'"  H  N N 76  
DC  H41    H  N N 77  
DC  H42    H  N N 78  
DC  H5     H  N N 79  
DC  H6     H  N N 80  
DG  OP3    O  N N 81  
DG  P      P  N N 82  
DG  OP1    O  N N 83  
DG  OP2    O  N N 84  
DG  "O5'"  O  N N 85  
DG  "C5'"  C  N N 86  
DG  "C4'"  C  N R 87  
DG  "O4'"  O  N N 88  
DG  "C3'"  C  N S 89  
DG  "O3'"  O  N N 90  
DG  "C2'"  C  N N 91  
DG  "C1'"  C  N R 92  
DG  N9     N  Y N 93  
DG  C8     C  Y N 94  
DG  N7     N  Y N 95  
DG  C5     C  Y N 96  
DG  C6     C  N N 97  
DG  O6     O  N N 98  
DG  N1     N  N N 99  
DG  C2     C  N N 100 
DG  N2     N  N N 101 
DG  N3     N  N N 102 
DG  C4     C  Y N 103 
DG  HOP3   H  N N 104 
DG  HOP2   H  N N 105 
DG  "H5'"  H  N N 106 
DG  "H5''" H  N N 107 
DG  "H4'"  H  N N 108 
DG  "H3'"  H  N N 109 
DG  "HO3'" H  N N 110 
DG  "H2'"  H  N N 111 
DG  "H2''" H  N N 112 
DG  "H1'"  H  N N 113 
DG  H8     H  N N 114 
DG  H1     H  N N 115 
DG  H21    H  N N 116 
DG  H22    H  N N 117 
DT  OP3    O  N N 118 
DT  P      P  N N 119 
DT  OP1    O  N N 120 
DT  OP2    O  N N 121 
DT  "O5'"  O  N N 122 
DT  "C5'"  C  N N 123 
DT  "C4'"  C  N R 124 
DT  "O4'"  O  N N 125 
DT  "C3'"  C  N S 126 
DT  "O3'"  O  N N 127 
DT  "C2'"  C  N N 128 
DT  "C1'"  C  N R 129 
DT  N1     N  N N 130 
DT  C2     C  N N 131 
DT  O2     O  N N 132 
DT  N3     N  N N 133 
DT  C4     C  N N 134 
DT  O4     O  N N 135 
DT  C5     C  N N 136 
DT  C7     C  N N 137 
DT  C6     C  N N 138 
DT  HOP3   H  N N 139 
DT  HOP2   H  N N 140 
DT  "H5'"  H  N N 141 
DT  "H5''" H  N N 142 
DT  "H4'"  H  N N 143 
DT  "H3'"  H  N N 144 
DT  "HO3'" H  N N 145 
DT  "H2'"  H  N N 146 
DT  "H2''" H  N N 147 
DT  "H1'"  H  N N 148 
DT  H3     H  N N 149 
DT  H71    H  N N 150 
DT  H72    H  N N 151 
DT  H73    H  N N 152 
DT  H6     H  N N 153 
HOH O      O  N N 154 
HOH H1     H  N N 155 
HOH H2     H  N N 156 
MG  MG     MG N N 157 
# 
loop_
_chem_comp_bond.comp_id 
_chem_comp_bond.atom_id_1 
_chem_comp_bond.atom_id_2 
_chem_comp_bond.value_order 
_chem_comp_bond.pdbx_aromatic_flag 
_chem_comp_bond.pdbx_stereo_config 
_chem_comp_bond.pdbx_ordinal 
CNV NAB   CAC    trip N N 1   
CNV CAC   CAD    sing N N 2   
CNV CAD   CAA    sing N N 3   
CNV CAD   HXT    sing N N 4   
CNV CAD   HAD    sing N N 5   
CNV CAA   HAA1   sing N N 6   
CNV CAA   HAA2   sing N N 7   
CNV CAA   HAA3   sing N N 8   
DA  OP3   P      sing N N 9   
DA  OP3   HOP3   sing N N 10  
DA  P     OP1    doub N N 11  
DA  P     OP2    sing N N 12  
DA  P     "O5'"  sing N N 13  
DA  OP2   HOP2   sing N N 14  
DA  "O5'" "C5'"  sing N N 15  
DA  "C5'" "C4'"  sing N N 16  
DA  "C5'" "H5'"  sing N N 17  
DA  "C5'" "H5''" sing N N 18  
DA  "C4'" "O4'"  sing N N 19  
DA  "C4'" "C3'"  sing N N 20  
DA  "C4'" "H4'"  sing N N 21  
DA  "O4'" "C1'"  sing N N 22  
DA  "C3'" "O3'"  sing N N 23  
DA  "C3'" "C2'"  sing N N 24  
DA  "C3'" "H3'"  sing N N 25  
DA  "O3'" "HO3'" sing N N 26  
DA  "C2'" "C1'"  sing N N 27  
DA  "C2'" "H2'"  sing N N 28  
DA  "C2'" "H2''" sing N N 29  
DA  "C1'" N9     sing N N 30  
DA  "C1'" "H1'"  sing N N 31  
DA  N9    C8     sing Y N 32  
DA  N9    C4     sing Y N 33  
DA  C8    N7     doub Y N 34  
DA  C8    H8     sing N N 35  
DA  N7    C5     sing Y N 36  
DA  C5    C6     sing Y N 37  
DA  C5    C4     doub Y N 38  
DA  C6    N6     sing N N 39  
DA  C6    N1     doub Y N 40  
DA  N6    H61    sing N N 41  
DA  N6    H62    sing N N 42  
DA  N1    C2     sing Y N 43  
DA  C2    N3     doub Y N 44  
DA  C2    H2     sing N N 45  
DA  N3    C4     sing Y N 46  
DC  OP3   P      sing N N 47  
DC  OP3   HOP3   sing N N 48  
DC  P     OP1    doub N N 49  
DC  P     OP2    sing N N 50  
DC  P     "O5'"  sing N N 51  
DC  OP2   HOP2   sing N N 52  
DC  "O5'" "C5'"  sing N N 53  
DC  "C5'" "C4'"  sing N N 54  
DC  "C5'" "H5'"  sing N N 55  
DC  "C5'" "H5''" sing N N 56  
DC  "C4'" "O4'"  sing N N 57  
DC  "C4'" "C3'"  sing N N 58  
DC  "C4'" "H4'"  sing N N 59  
DC  "O4'" "C1'"  sing N N 60  
DC  "C3'" "O3'"  sing N N 61  
DC  "C3'" "C2'"  sing N N 62  
DC  "C3'" "H3'"  sing N N 63  
DC  "O3'" "HO3'" sing N N 64  
DC  "C2'" "C1'"  sing N N 65  
DC  "C2'" "H2'"  sing N N 66  
DC  "C2'" "H2''" sing N N 67  
DC  "C1'" N1     sing N N 68  
DC  "C1'" "H1'"  sing N N 69  
DC  N1    C2     sing N N 70  
DC  N1    C6     sing N N 71  
DC  C2    O2     doub N N 72  
DC  C2    N3     sing N N 73  
DC  N3    C4     doub N N 74  
DC  C4    N4     sing N N 75  
DC  C4    C5     sing N N 76  
DC  N4    H41    sing N N 77  
DC  N4    H42    sing N N 78  
DC  C5    C6     doub N N 79  
DC  C5    H5     sing N N 80  
DC  C6    H6     sing N N 81  
DG  OP3   P      sing N N 82  
DG  OP3   HOP3   sing N N 83  
DG  P     OP1    doub N N 84  
DG  P     OP2    sing N N 85  
DG  P     "O5'"  sing N N 86  
DG  OP2   HOP2   sing N N 87  
DG  "O5'" "C5'"  sing N N 88  
DG  "C5'" "C4'"  sing N N 89  
DG  "C5'" "H5'"  sing N N 90  
DG  "C5'" "H5''" sing N N 91  
DG  "C4'" "O4'"  sing N N 92  
DG  "C4'" "C3'"  sing N N 93  
DG  "C4'" "H4'"  sing N N 94  
DG  "O4'" "C1'"  sing N N 95  
DG  "C3'" "O3'"  sing N N 96  
DG  "C3'" "C2'"  sing N N 97  
DG  "C3'" "H3'"  sing N N 98  
DG  "O3'" "HO3'" sing N N 99  
DG  "C2'" "C1'"  sing N N 100 
DG  "C2'" "H2'"  sing N N 101 
DG  "C2'" "H2''" sing N N 102 
DG  "C1'" N9     sing N N 103 
DG  "C1'" "H1'"  sing N N 104 
DG  N9    C8     sing Y N 105 
DG  N9    C4     sing Y N 106 
DG  C8    N7     doub Y N 107 
DG  C8    H8     sing N N 108 
DG  N7    C5     sing Y N 109 
DG  C5    C6     sing N N 110 
DG  C5    C4     doub Y N 111 
DG  C6    O6     doub N N 112 
DG  C6    N1     sing N N 113 
DG  N1    C2     sing N N 114 
DG  N1    H1     sing N N 115 
DG  C2    N2     sing N N 116 
DG  C2    N3     doub N N 117 
DG  N2    H21    sing N N 118 
DG  N2    H22    sing N N 119 
DG  N3    C4     sing N N 120 
DT  OP3   P      sing N N 121 
DT  OP3   HOP3   sing N N 122 
DT  P     OP1    doub N N 123 
DT  P     OP2    sing N N 124 
DT  P     "O5'"  sing N N 125 
DT  OP2   HOP2   sing N N 126 
DT  "O5'" "C5'"  sing N N 127 
DT  "C5'" "C4'"  sing N N 128 
DT  "C5'" "H5'"  sing N N 129 
DT  "C5'" "H5''" sing N N 130 
DT  "C4'" "O4'"  sing N N 131 
DT  "C4'" "C3'"  sing N N 132 
DT  "C4'" "H4'"  sing N N 133 
DT  "O4'" "C1'"  sing N N 134 
DT  "C3'" "O3'"  sing N N 135 
DT  "C3'" "C2'"  sing N N 136 
DT  "C3'" "H3'"  sing N N 137 
DT  "O3'" "HO3'" sing N N 138 
DT  "C2'" "C1'"  sing N N 139 
DT  "C2'" "H2'"  sing N N 140 
DT  "C2'" "H2''" sing N N 141 
DT  "C1'" N1     sing N N 142 
DT  "C1'" "H1'"  sing N N 143 
DT  N1    C2     sing N N 144 
DT  N1    C6     sing N N 145 
DT  C2    O2     doub N N 146 
DT  C2    N3     sing N N 147 
DT  N3    C4     sing N N 148 
DT  N3    H3     sing N N 149 
DT  C4    O4     doub N N 150 
DT  C4    C5     sing N N 151 
DT  C5    C7     sing N N 152 
DT  C5    C6     doub N N 153 
DT  C7    H71    sing N N 154 
DT  C7    H72    sing N N 155 
DT  C7    H73    sing N N 156 
DT  C6    H6     sing N N 157 
HOH O     H1     sing N N 158 
HOH O     H2     sing N N 159 
# 
_atom_sites.entry_id                    4U92 
_atom_sites.fract_transf_matrix[1][1]   0.02628435 
_atom_sites.fract_transf_matrix[1][2]   0.01671124 
_atom_sites.fract_transf_matrix[1][3]   -0.01302325 
_atom_sites.fract_transf_matrix[2][1]   0.02045064 
_atom_sites.fract_transf_matrix[2][2]   -0.01459006 
_atom_sites.fract_transf_matrix[2][3]   0.02255303 
_atom_sites.fract_transf_matrix[3][1]   0.00257247 
_atom_sites.fract_transf_matrix[3][2]   -0.01182625 
_atom_sites.fract_transf_matrix[3][3]   -0.00998333 
_atom_sites.fract_transf_vector[1]      0.663680 
_atom_sites.fract_transf_vector[2]      0.340413 
_atom_sites.fract_transf_vector[3]      -0.071372 
# 
loop_
_atom_type.symbol 
BA 
C  
MG 
N  
O  
P  
# 
loop_
_atom_site.group_PDB 
_atom_site.id 
_atom_site.type_symbol 
_atom_site.label_atom_id 
_atom_site.label_alt_id 
_atom_site.label_comp_id 
_atom_site.label_asym_id 
_atom_site.label_entity_id 
_atom_site.label_seq_id 
_atom_site.pdbx_PDB_ins_code 
_atom_site.Cartn_x 
_atom_site.Cartn_y 
_atom_site.Cartn_z 
_atom_site.occupancy 
_atom_site.B_iso_or_equiv 
_atom_site.pdbx_formal_charge 
_atom_site.auth_seq_id 
_atom_site.auth_comp_id 
_atom_site.auth_asym_id 
_atom_site.auth_atom_id 
_atom_site.pdbx_PDB_model_num 
ATOM   1   P  P     . DG  A 1 5  ? 11.515  -19.165 -2.732  0.77 60.61 ? 5   DG  A P     1 
ATOM   2   O  OP1   . DG  A 1 5  ? 12.982  -19.399 -2.987  1.00 52.63 ? 5   DG  A OP1   1 
ATOM   3   O  OP2   . DG  A 1 5  ? 11.035  -18.880 -1.341  1.00 53.91 ? 5   DG  A OP2   1 
ATOM   4   O  "O5'" . DG  A 1 5  ? 11.368  -17.678 -3.302  1.00 47.38 ? 5   DG  A "O5'" 1 
ATOM   5   C  "C5'" . DG  A 1 5  ? 12.216  -17.198 -4.375  1.00 35.09 ? 5   DG  A "C5'" 1 
ATOM   6   C  "C4'" . DG  A 1 5  ? 11.757  -15.811 -4.759  1.00 27.29 ? 5   DG  A "C4'" 1 
ATOM   7   O  "O4'" . DG  A 1 5  ? 10.351  -15.855 -5.131  1.00 25.61 ? 5   DG  A "O4'" 1 
ATOM   8   C  "C3'" . DG  A 1 5  ? 11.901  -14.773 -3.641  1.00 24.01 ? 5   DG  A "C3'" 1 
ATOM   9   O  "O3'" . DG  A 1 5  ? 12.387  -13.633 -4.329  1.00 23.93 ? 5   DG  A "O3'" 1 
ATOM   10  C  "C2'" . DG  A 1 5  ? 10.475  -14.556 -3.166  1.00 24.21 ? 5   DG  A "C2'" 1 
ATOM   11  C  "C1'" . DG  A 1 5  ? 9.675   -14.809 -4.431  1.00 23.53 ? 5   DG  A "C1'" 1 
ATOM   12  N  N9    . DG  A 1 5  ? 8.315   -15.260 -4.157  1.00 20.31 ? 5   DG  A N9    1 
ATOM   13  C  C8    . DG  A 1 5  ? 7.912   -16.105 -3.159  1.00 18.74 ? 5   DG  A C8    1 
ATOM   14  N  N7    . DG  A 1 5  ? 6.621   -16.308 -3.157  1.00 17.13 ? 5   DG  A N7    1 
ATOM   15  C  C5    . DG  A 1 5  ? 6.144   -15.515 -4.188  1.00 17.46 ? 5   DG  A C5    1 
ATOM   16  C  C6    . DG  A 1 5  ? 4.821   -15.294 -4.625  1.00 17.98 ? 5   DG  A C6    1 
ATOM   17  O  O6    . DG  A 1 5  ? 3.781   -15.792 -4.178  1.00 18.12 ? 5   DG  A O6    1 
ATOM   18  N  N1    . DG  A 1 5  ? 4.776   -14.460 -5.741  1.00 18.23 ? 5   DG  A N1    1 
ATOM   19  C  C2    . DG  A 1 5  ? 5.869   -13.869 -6.312  1.00 18.81 ? 5   DG  A C2    1 
ATOM   20  N  N2    . DG  A 1 5  ? 5.619   -13.030 -7.306  1.00 19.47 ? 5   DG  A N2    1 
ATOM   21  N  N3    . DG  A 1 5  ? 7.112   -14.039 -5.888  1.00 19.06 ? 5   DG  A N3    1 
ATOM   22  C  C4    . DG  A 1 5  ? 7.174   -14.878 -4.831  1.00 18.45 ? 5   DG  A C4    1 
ATOM   23  P  P     . DC  A 1 6  ? 12.639  -12.232 -3.564  0.90 23.17 ? 6   DC  A P     1 
ATOM   24  O  OP1   . DC  A 1 6  ? 13.667  -11.488 -4.350  1.00 27.59 ? 6   DC  A OP1   1 
ATOM   25  O  OP2   . DC  A 1 6  ? 12.715  -12.444 -2.114  1.00 23.34 ? 6   DC  A OP2   1 
ATOM   26  O  "O5'" . DC  A 1 6  ? 11.231  -11.472 -3.807  1.00 19.51 ? 6   DC  A "O5'" 1 
ATOM   27  C  "C5'" . DC  A 1 6  ? 10.890  -11.066 -5.122  1.00 18.21 ? 6   DC  A "C5'" 1 
ATOM   28  C  "C4'" . DC  A 1 6  ? 9.460   -10.575 -5.166  1.00 15.77 ? 6   DC  A "C4'" 1 
ATOM   29  O  "O4'" . DC  A 1 6  ? 8.553   -11.638 -4.837  1.00 16.78 ? 6   DC  A "O4'" 1 
ATOM   30  C  "C3'" . DC  A 1 6  ? 9.115   -9.452  -4.156  1.00 16.92 ? 6   DC  A "C3'" 1 
ATOM   31  O  "O3'" . DC  A 1 6  ? 9.603   -8.216  -4.667  1.00 16.89 ? 6   DC  A "O3'" 1 
ATOM   32  C  "C2'" . DC  A 1 6  ? 7.611   -9.583  -4.007  1.00 16.30 ? 6   DC  A "C2'" 1 
ATOM   33  C  "C1'" . DC  A 1 6  ? 7.331   -11.051 -4.314  1.00 16.73 ? 6   DC  A "C1'" 1 
ATOM   34  N  N1    . DC  A 1 6  ? 6.951   -11.838 -3.147  1.00 14.69 ? 6   DC  A N1    1 
ATOM   35  C  C2    . DC  A 1 6  ? 5.608   -12.211 -3.010  1.00 14.04 ? 6   DC  A C2    1 
ATOM   36  O  O2    . DC  A 1 6  ? 4.786   -11.777 -3.830  1.00 15.23 ? 6   DC  A O2    1 
ATOM   37  N  N3    . DC  A 1 6  ? 5.244   -13.032 -1.986  1.00 13.65 ? 6   DC  A N3    1 
ATOM   38  C  C4    . DC  A 1 6  ? 6.167   -13.450 -1.113  1.00 15.52 ? 6   DC  A C4    1 
ATOM   39  N  N4    . DC  A 1 6  ? 5.779   -14.275 -0.148  1.00 14.59 ? 6   DC  A N4    1 
ATOM   40  C  C5    . DC  A 1 6  ? 7.543   -13.066 -1.221  1.00 16.43 ? 6   DC  A C5    1 
ATOM   41  C  C6    . DC  A 1 6  ? 7.888   -12.277 -2.251  1.00 15.16 ? 6   DC  A C6    1 
ATOM   42  P  P     . DG  A 1 7  ? 9.397   -6.841  -3.859  0.89 16.21 ? 7   DG  A P     1 
ATOM   43  O  OP1   . DG  A 1 7  ? 10.524  -5.931  -4.246  1.00 20.95 ? 7   DG  A OP1   1 
ATOM   44  O  OP2   . DG  A 1 7  ? 9.095   -7.067  -2.412  1.00 17.93 ? 7   DG  A OP2   1 
ATOM   45  O  "O5'" . DG  A 1 7  ? 8.060   -6.245  -4.523  1.00 15.69 ? 7   DG  A "O5'" 1 
ATOM   46  C  "C5'" . DG  A 1 7  ? 7.991   -5.912  -5.931  1.00 14.16 ? 7   DG  A "C5'" 1 
ATOM   47  C  "C4'" . DG  A 1 7  ? 6.700   -5.184  -6.193  1.00 13.50 ? 7   DG  A "C4'" 1 
ATOM   48  O  "O4'" . DG  A 1 7  ? 5.597   -6.058  -5.871  1.00 13.22 ? 7   DG  A "O4'" 1 
ATOM   49  C  "C3'" . DG  A 1 7  ? 6.545   -3.924  -5.351  1.00 13.37 ? 7   DG  A "C3'" 1 
ATOM   50  O  "O3'" . DG  A 1 7  ? 5.812   -2.961  -6.122  1.00 13.51 ? 7   DG  A "O3'" 1 
ATOM   51  C  "C2'" . DG  A 1 7  ? 5.652   -4.351  -4.201  1.00 12.66 ? 7   DG  A "C2'" 1 
ATOM   52  C  "C1'" . DG  A 1 7  ? 4.812   -5.449  -4.824  1.00 12.08 ? 7   DG  A "C1'" 1 
ATOM   53  N  N9    . DG  A 1 7  ? 4.444   -6.518  -3.914  1.00 11.49 ? 7   DG  A N9    1 
ATOM   54  C  C8    . DG  A 1 7  ? 5.301   -7.182  -3.075  1.00 11.28 ? 7   DG  A C8    1 
ATOM   55  N  N7    . DG  A 1 7  ? 4.715   -8.109  -2.371  1.00 10.29 ? 7   DG  A N7    1 
ATOM   56  C  C5    . DG  A 1 7  ? 3.394   -8.071  -2.792  1.00 11.42 ? 7   DG  A C5    1 
ATOM   57  C  C6    . DG  A 1 7  ? 2.297   -8.878  -2.420  1.00 11.19 ? 7   DG  A C6    1 
ATOM   58  O  O6    . DG  A 1 7  ? 2.272   -9.789  -1.588  1.00 11.94 ? 7   DG  A O6    1 
ATOM   59  N  N1    . DG  A 1 7  ? 1.134   -8.529  -3.114  1.00 11.28 ? 7   DG  A N1    1 
ATOM   60  C  C2    . DG  A 1 7  ? 1.069   -7.580  -4.114  1.00 11.65 ? 7   DG  A C2    1 
ATOM   61  N  N2    . DG  A 1 7  ? -0.124  -7.431  -4.709  1.00 13.17 ? 7   DG  A N2    1 
ATOM   62  N  N3    . DG  A 1 7  ? 2.099   -6.834  -4.484  1.00 10.96 ? 7   DG  A N3    1 
ATOM   63  C  C4    . DG  A 1 7  ? 3.224   -7.135  -3.792  1.00 11.21 ? 7   DG  A C4    1 
ATOM   64  P  P     . DT  A 1 8  ? 6.579   -1.784  -6.955  0.94 13.10 ? 8   DT  A P     1 
ATOM   65  O  OP1   . DT  A 1 8  ? 5.720   -1.490  -8.142  1.00 15.83 ? 8   DT  A OP1   1 
ATOM   66  O  OP2   . DT  A 1 8  ? 8.034   -2.264  -7.175  1.00 16.32 ? 8   DT  A OP2   1 
ATOM   67  O  "O5'" . DT  A 1 8  ? 6.484   -0.507  -6.007  1.00 13.44 ? 8   DT  A "O5'" 1 
ATOM   68  C  "C5'" . DT  A 1 8  ? 7.035   -0.559  -4.692  1.00 12.17 ? 8   DT  A "C5'" 1 
ATOM   69  C  "C4'" . DT  A 1 8  ? 6.886   0.771   -4.012  1.00 11.86 ? 8   DT  A "C4'" 1 
ATOM   70  O  "O4'" . DT  A 1 8  ? 7.519   1.820   -4.798  1.00 12.33 ? 8   DT  A "O4'" 1 
ATOM   71  C  "C3'" . DT  A 1 8  ? 5.449   1.255   -3.970  1.00 10.95 ? 8   DT  A "C3'" 1 
ATOM   72  O  "O3'" . DT  A 1 8  ? 4.790   0.590   -2.864  1.00 11.41 ? 8   DT  A "O3'" 1 
ATOM   73  C  "C2'" . DT  A 1 8  ? 5.652   2.747   -3.652  1.00 11.84 ? 8   DT  A "C2'" 1 
ATOM   74  C  "C1'" . DT  A 1 8  ? 6.972   3.058   -4.410  1.00 11.98 ? 8   DT  A "C1'" 1 
ATOM   75  N  N1    . DT  A 1 8  ? 6.795   3.898   -5.619  1.00 11.75 ? 8   DT  A N1    1 
ATOM   76  C  C2    . DT  A 1 8  ? 7.930   4.547   -6.066  1.00 13.95 ? 8   DT  A C2    1 
ATOM   77  O  O2    . DT  A 1 8  ? 9.020   4.416   -5.537  1.00 11.87 ? 8   DT  A O2    1 
ATOM   78  N  N3    . DT  A 1 8  ? 7.740   5.327   -7.164  1.00 12.66 ? 8   DT  A N3    1 
ATOM   79  C  C4    . DT  A 1 8  ? 6.560   5.547   -7.837  1.00 14.13 ? 8   DT  A C4    1 
ATOM   80  O  O4    . DT  A 1 8  ? 6.533   6.339   -8.775  1.00 15.30 ? 8   DT  A O4    1 
ATOM   81  C  C5    . DT  A 1 8  ? 5.431   4.765   -7.374  1.00 13.40 ? 8   DT  A C5    1 
ATOM   82  C  C7    . DT  A 1 8  ? 4.109   4.942   -8.050  1.00 13.85 ? 8   DT  A C7    1 
ATOM   83  C  C6    . DT  A 1 8  ? 5.594   3.994   -6.291  1.00 11.67 ? 8   DT  A C6    1 
ATOM   84  P  P     . DG  A 1 9  ? 3.243   0.174   -2.989  0.94 10.76 ? 9   DG  A P     1 
ATOM   85  O  OP1   . DG  A 1 9  ? 2.497   1.243   -3.649  1.00 11.55 ? 9   DG  A OP1   1 
ATOM   86  O  OP2   . DG  A 1 9  ? 2.863   -0.308  -1.637  1.00 11.78 ? 9   DG  A OP2   1 
ATOM   87  O  "O5'" . DG  A 1 9  ? 3.287   -1.108  -3.930  1.00 11.00 ? 9   DG  A "O5'" 1 
ATOM   88  C  "C5'" . DG  A 1 9  ? 2.990   -1.038  -5.390  1.00 11.12 ? 9   DG  A "C5'" 1 
ATOM   89  C  "C4'" . DG  A 1 9  ? 1.723   -1.791  -5.747  1.00 11.04 ? 9   DG  A "C4'" 1 
ATOM   90  O  "O4'" . DG  A 1 9  ? 1.841   -3.169  -5.281  1.00 10.74 ? 9   DG  A "O4'" 1 
ATOM   91  C  "C3'" . DG  A 1 9  ? 0.446   -1.229  -5.105  1.00 10.86 ? 9   DG  A "C3'" 1 
ATOM   92  O  "O3'" . DG  A 1 9  ? -0.124  -0.294  -6.047  1.00 11.29 ? 9   DG  A "O3'" 1 
ATOM   93  C  "C2'" . DG  A 1 9  ? -0.424  -2.448  -4.955  1.00 10.73 ? 9   DG  A "C2'" 1 
ATOM   94  C  "C1'" . DG  A 1 9  ? 0.590   -3.554  -4.713  1.00 10.63 ? 9   DG  A "C1'" 1 
ATOM   95  N  N9    . DG  A 1 9  ? 0.834   -3.977  -3.333  1.00 10.53 ? 9   DG  A N9    1 
ATOM   96  C  C8    . DG  A 1 9  ? 2.048   -4.065  -2.687  1.00 10.48 ? 9   DG  A C8    1 
ATOM   97  N  N7    . DG  A 1 9  ? 1.993   -4.790  -1.604  1.00 10.43 ? 9   DG  A N7    1 
ATOM   98  C  C5    . DG  A 1 9  ? 0.669   -5.191  -1.521  1.00 10.24 ? 9   DG  A C5    1 
ATOM   99  C  C6    . DG  A 1 9  ? 0.012   -5.967  -0.541  1.00 9.67  ? 9   DG  A C6    1 
ATOM   100 O  O6    . DG  A 1 9  ? 0.500   -6.529  0.439   1.00 10.03 ? 9   DG  A O6    1 
ATOM   101 N  N1    . DG  A 1 9  ? -1.337  -6.150  -0.851  1.00 10.07 ? 9   DG  A N1    1 
ATOM   102 C  C2    . DG  A 1 9  ? -1.973  -5.597  -1.940  1.00 10.82 ? 9   DG  A C2    1 
ATOM   103 N  N2    . DG  A 1 9  ? -3.302  -5.820  -2.051  1.00 10.95 ? 9   DG  A N2    1 
ATOM   104 N  N3    . DG  A 1 9  ? -1.363  -4.868  -2.846  1.00 10.63 ? 9   DG  A N3    1 
ATOM   105 C  C4    . DG  A 1 9  ? -0.058  -4.701  -2.576  1.00 10.71 ? 9   DG  A C4    1 
ATOM   106 P  P     . DG  A 1 10 ? -0.933  0.982   -5.548  0.95 10.82 ? 10  DG  A P     1 
ATOM   107 O  OP1   . DG  A 1 10 ? -1.404  1.618   -6.837  1.00 12.31 ? 10  DG  A OP1   1 
ATOM   108 O  OP2   . DG  A 1 10 ? -0.154  1.814   -4.650  1.00 11.53 ? 10  DG  A OP2   1 
ATOM   109 O  "O5'" . DG  A 1 10 ? -2.176  0.382   -4.719  1.00 10.69 ? 10  DG  A "O5'" 1 
ATOM   110 C  "C5'" . DG  A 1 10 ? -3.177  -0.328  -5.444  1.00 10.16 ? 10  DG  A "C5'" 1 
ATOM   111 C  "C4'" . DG  A 1 10 ? -4.213  -0.833  -4.464  1.00 9.60  ? 10  DG  A "C4'" 1 
ATOM   112 O  "O4'" . DG  A 1 10 ? -3.618  -1.799  -3.532  1.00 10.14 ? 10  DG  A "O4'" 1 
ATOM   113 C  "C3'" . DG  A 1 10 ? -4.879  0.243   -3.592  1.00 10.33 ? 10  DG  A "C3'" 1 
ATOM   114 O  "O3'" . DG  A 1 10 ? -6.330  0.010   -3.605  1.00 11.50 ? 10  DG  A "O3'" 1 
ATOM   115 C  "C2'" . DG  A 1 10 ? -4.225  0.041   -2.219  1.00 10.47 ? 10  DG  A "C2'" 1 
ATOM   116 C  "C1'" . DG  A 1 10 ? -4.045  -1.465  -2.250  1.00 10.01 ? 10  DG  A "C1'" 1 
ATOM   117 N  N9    . DG  A 1 10 ? -3.067  -1.991  -1.297  1.00 9.35  ? 10  DG  A N9    1 
ATOM   118 C  C8    . DG  A 1 10 ? -1.720  -1.708  -1.227  1.00 9.56  ? 10  DG  A C8    1 
ATOM   119 N  N7    . DG  A 1 10 ? -1.117  -2.360  -0.275  1.00 9.75  ? 10  DG  A N7    1 
ATOM   120 C  C5    . DG  A 1 10 ? -2.137  -3.049  0.376   1.00 9.02  ? 10  DG  A C5    1 
ATOM   121 C  C6    . DG  A 1 10 ? -2.085  -3.929  1.481   1.00 9.35  ? 10  DG  A C6    1 
ATOM   122 O  O6    . DG  A 1 10 ? -1.106  -4.283  2.153   1.00 9.25  ? 10  DG  A O6    1 
ATOM   123 N  N1    . DG  A 1 10 ? -3.331  -4.449  1.792   1.00 9.30  ? 10  DG  A N1    1 
ATOM   124 C  C2    . DG  A 1 10 ? -4.493  -4.170  1.105   1.00 9.14  ? 10  DG  A C2    1 
ATOM   125 N  N2    . DG  A 1 10 ? -5.615  -4.769  1.569   1.00 10.52 ? 10  DG  A N2    1 
ATOM   126 N  N3    . DG  A 1 10 ? -4.551  -3.362  0.045   1.00 9.77  ? 10  DG  A N3    1 
ATOM   127 C  C4    . DG  A 1 10 ? -3.342  -2.863  -0.271  1.00 8.60  ? 10  DG  A C4    1 
ATOM   128 P  P     . DG  B 1 5  ? -13.851 7.453   15.325  0.63 46.80 ? 5   DG  B P     1 
ATOM   129 O  OP1   . DG  B 1 5  ? -15.291 7.481   15.087  1.00 46.28 ? 5   DG  B OP1   1 
ATOM   130 O  OP2   . DG  B 1 5  ? -13.171 6.147   15.430  1.00 49.33 ? 5   DG  B OP2   1 
ATOM   131 O  "O5'" . DG  B 1 5  ? -13.345 7.923   13.888  1.00 34.66 ? 5   DG  B "O5'" 1 
ATOM   132 C  "C5'" . DG  B 1 5  ? -13.711 9.190   13.341  1.00 30.32 ? 5   DG  B "C5'" 1 
ATOM   133 C  "C4'" . DG  B 1 5  ? -12.936 9.407   12.059  1.00 25.01 ? 5   DG  B "C4'" 1 
ATOM   134 O  "O4'" . DG  B 1 5  ? -11.521 9.460   12.375  1.00 24.20 ? 5   DG  B "O4'" 1 
ATOM   135 C  "C3'" . DG  B 1 5  ? -13.103 8.282   11.031  1.00 24.10 ? 5   DG  B "C3'" 1 
ATOM   136 O  "O3'" . DG  B 1 5  ? -13.183 8.897   9.751   1.00 23.04 ? 5   DG  B "O3'" 1 
ATOM   137 C  "C2'" . DG  B 1 5  ? -11.850 7.429   11.209  1.00 21.69 ? 5   DG  B "C2'" 1 
ATOM   138 C  "C1'" . DG  B 1 5  ? -10.817 8.482   11.586  1.00 20.86 ? 5   DG  B "C1'" 1 
ATOM   139 N  N9    . DG  B 1 5  ? -9.721  7.962   12.403  1.00 18.71 ? 5   DG  B N9    1 
ATOM   140 C  C8    . DG  B 1 5  ? -9.810  7.019   13.395  1.00 18.86 ? 5   DG  B C8    1 
ATOM   141 N  N7    . DG  B 1 5  ? -8.657  6.753   13.952  1.00 15.65 ? 5   DG  B N7    1 
ATOM   142 C  C5    . DG  B 1 5  ? -7.753  7.521   13.242  1.00 16.29 ? 5   DG  B C5    1 
ATOM   143 C  C6    . DG  B 1 5  ? -6.357  7.599   13.349  1.00 17.03 ? 5   DG  B C6    1 
ATOM   144 O  O6    . DG  B 1 5  ? -5.631  7.024   14.163  1.00 16.40 ? 5   DG  B O6    1 
ATOM   145 N  N1    . DG  B 1 5  ? -5.829  8.537   12.471  1.00 17.22 ? 5   DG  B N1    1 
ATOM   146 C  C2    . DG  B 1 5  ? -6.558  9.268   11.572  1.00 16.81 ? 5   DG  B C2    1 
ATOM   147 N  N2    . DG  B 1 5  ? -5.873  10.055  10.762  1.00 17.41 ? 5   DG  B N2    1 
ATOM   148 N  N3    . DG  B 1 5  ? -7.865  9.154   11.421  1.00 15.72 ? 5   DG  B N3    1 
ATOM   149 C  C4    . DG  B 1 5  ? -8.391  8.272   12.283  1.00 15.56 ? 5   DG  B C4    1 
ATOM   150 P  P     . DC  B 1 6  ? -13.308 7.987   8.419   0.89 21.20 ? 6   DC  B P     1 
ATOM   151 O  OP1   . DC  B 1 6  ? -13.897 8.868   7.369   1.00 23.42 ? 6   DC  B OP1   1 
ATOM   152 O  OP2   . DC  B 1 6  ? -13.833 6.681   8.779   1.00 22.84 ? 6   DC  B OP2   1 
ATOM   153 O  "O5'" . DC  B 1 6  ? -11.760 7.766   8.055   1.00 18.62 ? 6   DC  B "O5'" 1 
ATOM   154 C  "C5'" . DC  B 1 6  ? -10.970 8.888   7.627   1.00 16.36 ? 6   DC  B "C5'" 1 
ATOM   155 C  "C4'" . DC  B 1 6  ? -9.515  8.514   7.537   1.00 15.26 ? 6   DC  B "C4'" 1 
ATOM   156 O  "O4'" . DC  B 1 6  ? -9.014  8.136   8.821   1.00 16.30 ? 6   DC  B "O4'" 1 
ATOM   157 C  "C3'" . DC  B 1 6  ? -9.242  7.301   6.623   1.00 15.98 ? 6   DC  B "C3'" 1 
ATOM   158 O  "O3'" . DC  B 1 6  ? -9.264  7.770   5.277   1.00 16.12 ? 6   DC  B "O3'" 1 
ATOM   159 C  "C2'" . DC  B 1 6  ? -7.884  6.851   7.098   1.00 15.73 ? 6   DC  B "C2'" 1 
ATOM   160 C  "C1'" . DC  B 1 6  ? -7.846  7.258   8.580   1.00 15.12 ? 6   DC  B "C1'" 1 
ATOM   161 N  N1    . DC  B 1 6  ? -7.936  6.183   9.558   1.00 14.46 ? 6   DC  B N1    1 
ATOM   162 C  C2    . DC  B 1 6  ? -6.782  5.810   10.242  1.00 13.44 ? 6   DC  B C2    1 
ATOM   163 O  O2    . DC  B 1 6  ? -5.726  6.391   9.973   1.00 13.37 ? 6   DC  B O2    1 
ATOM   164 N  N3    . DC  B 1 6  ? -6.878  4.894   11.230  1.00 12.77 ? 6   DC  B N3    1 
ATOM   165 C  C4    . DC  B 1 6  ? -8.050  4.290   11.463  1.00 14.40 ? 6   DC  B C4    1 
ATOM   166 N  N4    . DC  B 1 6  ? -8.119  3.413   12.465  1.00 13.16 ? 6   DC  B N4    1 
ATOM   167 C  C5    . DC  B 1 6  ? -9.218  4.600   10.714  1.00 14.51 ? 6   DC  B C5    1 
ATOM   168 C  C6    . DC  B 1 6  ? -9.113  5.529   9.777   1.00 13.67 ? 6   DC  B C6    1 
ATOM   169 P  P     . DG  B 1 7  ? -9.001  6.793   4.004   0.93 14.71 ? 7   DG  B P     1 
ATOM   170 O  OP1   . DG  B 1 7  ? -9.803  7.373   2.837   1.00 18.17 ? 7   DG  B OP1   1 
ATOM   171 O  OP2   . DG  B 1 7  ? -9.239  5.355   4.376   1.00 17.09 ? 7   DG  B OP2   1 
ATOM   172 O  "O5'" . DG  B 1 7  ? -7.452  7.015   3.697   1.00 15.05 ? 7   DG  B "O5'" 1 
ATOM   173 C  "C5'" . DG  B 1 7  ? -6.943  8.309   3.351   1.00 13.71 ? 7   DG  B "C5'" 1 
ATOM   174 C  "C4'" . DG  B 1 7  ? -5.484  8.191   2.968   1.00 14.71 ? 7   DG  B "C4'" 1 
ATOM   175 O  "O4'" . DG  B 1 7  ? -4.660  7.792   4.123   1.00 14.69 ? 7   DG  B "O4'" 1 
ATOM   176 C  "C3'" . DG  B 1 7  ? -5.235  7.139   1.879   1.00 14.04 ? 7   DG  B "C3'" 1 
ATOM   177 O  "O3'" . DG  B 1 7  ? -4.158  7.630   1.057   1.00 13.85 ? 7   DG  B "O3'" 1 
ATOM   178 C  "C2'" . DG  B 1 7  ? -4.717  5.929   2.656   1.00 13.71 ? 7   DG  B "C2'" 1 
ATOM   179 C  "C1'" . DG  B 1 7  ? -4.014  6.508   3.841   1.00 12.65 ? 7   DG  B "C1'" 1 
ATOM   180 N  N9    . DG  B 1 7  ? -4.172  5.662   5.014   1.00 12.21 ? 7   DG  B N9    1 
ATOM   181 C  C8    . DG  B 1 7  ? -5.329  5.115   5.500   1.00 12.24 ? 7   DG  B C8    1 
ATOM   182 N  N7    . DG  B 1 7  ? -5.150  4.449   6.609   1.00 11.78 ? 7   DG  B N7    1 
ATOM   183 C  C5    . DG  B 1 7  ? -3.795  4.583   6.876   1.00 11.59 ? 7   DG  B C5    1 
ATOM   184 C  C6    . DG  B 1 7  ? -3.040  4.091   7.945   1.00 11.65 ? 7   DG  B C6    1 
ATOM   185 O  O6    . DG  B 1 7  ? -3.421  3.400   8.887   1.00 11.70 ? 7   DG  B O6    1 
ATOM   186 N  N1    . DG  B 1 7  ? -1.703  4.467   7.854   1.00 11.89 ? 7   DG  B N1    1 
ATOM   187 C  C2    . DG  B 1 7  ? -1.182  5.275   6.856   1.00 12.45 ? 7   DG  B C2    1 
ATOM   188 N  N2    . DG  B 1 7  ? 0.113   5.555   6.919   1.00 11.54 ? 7   DG  B N2    1 
ATOM   189 N  N3    . DG  B 1 7  ? -1.893  5.747   5.852   1.00 11.95 ? 7   DG  B N3    1 
ATOM   190 C  C4    . DG  B 1 7  ? -3.192  5.378   5.939   1.00 11.72 ? 7   DG  B C4    1 
ATOM   191 P  P     . DT  B 1 8  ? -4.421  8.219   -0.425  0.91 14.63 ? 8   DT  B P     1 
ATOM   192 O  OP1   . DT  B 1 8  ? -3.233  9.057   -0.747  1.00 16.41 ? 8   DT  B OP1   1 
ATOM   193 O  OP2   . DT  B 1 8  ? -5.827  8.688   -0.467  1.00 18.02 ? 8   DT  B OP2   1 
ATOM   194 O  "O5'" . DT  B 1 8  ? -4.323  6.927   -1.365  1.00 13.51 ? 8   DT  B "O5'" 1 
ATOM   195 C  "C5'" . DT  B 1 8  ? -5.169  5.746   -1.110  1.00 12.66 ? 8   DT  B "C5'" 1 
ATOM   196 C  "C4'" . DT  B 1 8  ? -5.057  4.862   -2.315  1.00 12.59 ? 8   DT  B "C4'" 1 
ATOM   197 O  "O4'" . DT  B 1 8  ? -5.538  5.566   -3.500  1.00 12.82 ? 8   DT  B "O4'" 1 
ATOM   198 C  "C3'" . DT  B 1 8  ? -3.619  4.489   -2.690  1.00 11.86 ? 8   DT  B "C3'" 1 
ATOM   199 O  "O3'" . DT  B 1 8  ? -3.274  3.368   -1.856  1.00 11.36 ? 8   DT  B "O3'" 1 
ATOM   200 C  "C2'" . DT  B 1 8  ? -3.789  4.027   -4.144  1.00 11.93 ? 8   DT  B "C2'" 1 
ATOM   201 C  "C1'" . DT  B 1 8  ? -5.048  4.841   -4.615  1.00 13.26 ? 8   DT  B "C1'" 1 
ATOM   202 N  N1    . DT  B 1 8  ? -4.819  5.804   -5.694  1.00 12.93 ? 8   DT  B N1    1 
ATOM   203 C  C2    . DT  B 1 8  ? -5.911  6.149   -6.454  1.00 14.66 ? 8   DT  B C2    1 
ATOM   204 O  O2    . DT  B 1 8  ? -7.035  5.713   -6.244  1.00 13.67 ? 8   DT  B O2    1 
ATOM   205 N  N3    . DT  B 1 8  ? -5.628  7.003   -7.487  1.00 13.78 ? 8   DT  B N3    1 
ATOM   206 C  C4    . DT  B 1 8  ? -4.413  7.590   -7.778  1.00 14.26 ? 8   DT  B C4    1 
ATOM   207 O  O4    . DT  B 1 8  ? -4.306  8.336   -8.765  1.00 14.25 ? 8   DT  B O4    1 
ATOM   208 C  C5    . DT  B 1 8  ? -3.323  7.217   -6.919  1.00 13.35 ? 8   DT  B C5    1 
ATOM   209 C  C7    . DT  B 1 8  ? -1.986  7.858   -7.133  1.00 15.18 ? 8   DT  B C7    1 
ATOM   210 C  C6    . DT  B 1 8  ? -3.583  6.385   -5.905  1.00 12.17 ? 8   DT  B C6    1 
ATOM   211 P  P     . DG  B 1 9  ? -1.752  3.269   -1.263  0.93 10.09 ? 9   DG  B P     1 
ATOM   212 O  OP1   . DG  B 1 9  ? -0.729  3.583   -2.379  1.00 11.20 ? 9   DG  B OP1   1 
ATOM   213 O  OP2   . DG  B 1 9  ? -1.696  1.957   -0.519  1.00 11.81 ? 9   DG  B OP2   1 
ATOM   214 O  "O5'" . DG  B 1 9  ? -1.748  4.404   -0.151  1.00 11.44 ? 9   DG  B "O5'" 1 
ATOM   215 C  "C5'" . DG  B 1 9  ? -1.089  5.704   -0.304  1.00 11.05 ? 9   DG  B "C5'" 1 
ATOM   216 C  "C4'" . DG  B 1 9  ? -0.042  5.855   0.773   1.00 10.77 ? 9   DG  B "C4'" 1 
ATOM   217 O  "O4'" . DG  B 1 9  ? -0.655  5.799   2.084   1.00 11.13 ? 9   DG  B "O4'" 1 
ATOM   218 C  "C3'" . DG  B 1 9  ? 1.071   4.802   0.804   1.00 10.80 ? 9   DG  B "C3'" 1 
ATOM   219 O  "O3'" . DG  B 1 9  ? 2.071   5.232   -0.122  1.00 11.04 ? 9   DG  B "O3'" 1 
ATOM   220 C  "C2'" . DG  B 1 9  ? 1.565   4.906   2.211   1.00 10.29 ? 9   DG  B "C2'" 1 
ATOM   221 C  "C1'" . DG  B 1 9  ? 0.259   5.144   2.970   1.00 11.47 ? 9   DG  B "C1'" 1 
ATOM   222 N  N9    . DG  B 1 9  ? -0.419  3.951   3.476   1.00 10.08 ? 9   DG  B N9    1 
ATOM   223 C  C8    . DG  B 1 9  ? -1.741  3.618   3.302   1.00 9.71  ? 9   DG  B C8    1 
ATOM   224 N  N7    . DG  B 1 9  ? -2.125  2.641   4.087   1.00 10.00 ? 9   DG  B N7    1 
ATOM   225 C  C5    . DG  B 1 9  ? -0.988  2.322   4.821   1.00 9.69  ? 9   DG  B C5    1 
ATOM   226 C  C6    . DG  B 1 9  ? -0.783  1.328   5.859   1.00 10.34 ? 9   DG  B C6    1 
ATOM   227 O  O6    . DG  B 1 9  ? -1.600  0.567   6.372   1.00 10.30 ? 9   DG  B O6    1 
ATOM   228 N  N1    . DG  B 1 9  ? 0.526   1.346   6.333   1.00 10.34 ? 9   DG  B N1    1 
ATOM   229 C  C2    . DG  B 1 9  ? 1.508   2.193   5.870   1.00 10.04 ? 9   DG  B C2    1 
ATOM   230 N  N2    . DG  B 1 9  ? 2.743   1.989   6.356   1.00 10.22 ? 9   DG  B N2    1 
ATOM   231 N  N3    . DG  B 1 9  ? 1.332   3.121   4.925   1.00 10.24 ? 9   DG  B N3    1 
ATOM   232 C  C4    . DG  B 1 9  ? 0.059   3.145   4.473   1.00 9.98  ? 9   DG  B C4    1 
ATOM   233 P  P     . DG  B 1 10 ? 2.810   4.192   -1.063  0.93 10.38 ? 10  DG  B P     1 
ATOM   234 O  OP1   . DG  B 1 10 ? 3.425   5.022   -2.130  1.00 11.64 ? 10  DG  B OP1   1 
ATOM   235 O  OP2   . DG  B 1 10 ? 1.913   3.101   -1.454  1.00 11.18 ? 10  DG  B OP2   1 
ATOM   236 O  "O5'" . DG  B 1 10 ? 3.940   3.522   -0.153  1.00 10.85 ? 10  DG  B "O5'" 1 
ATOM   237 C  "C5'" . DG  B 1 10 ? 4.894   4.273   0.602   1.00 11.37 ? 10  DG  B "C5'" 1 
ATOM   238 C  "C4'" . DG  B 1 10 ? 5.603   3.289   1.515   1.00 11.47 ? 10  DG  B "C4'" 1 
ATOM   239 O  "O4'" . DG  B 1 10 ? 4.599   2.723   2.432   1.00 11.19 ? 10  DG  B "O4'" 1 
ATOM   240 C  "C3'" . DG  B 1 10 ? 6.251   2.092   0.783   1.00 11.67 ? 10  DG  B "C3'" 1 
ATOM   241 O  "O3'" . DG  B 1 10 ? 7.457   1.756   1.537   1.00 10.90 ? 10  DG  B "O3'" 1 
ATOM   242 C  "C2'" . DG  B 1 10 ? 5.212   0.982   0.927   1.00 10.59 ? 10  DG  B "C2'" 1 
ATOM   243 C  "C1'" . DG  B 1 10 ? 4.676   1.287   2.322   1.00 10.62 ? 10  DG  B "C1'" 1 
ATOM   244 N  N9    . DG  B 1 10 ? 3.375   0.737   2.648   1.00 9.39  ? 10  DG  B N9    1 
ATOM   245 C  C8    . DG  B 1 10 ? 2.167   0.995   2.028   1.00 10.05 ? 10  DG  B C8    1 
ATOM   246 N  N7    . DG  B 1 10 ? 1.165   0.388   2.595   1.00 10.54 ? 10  DG  B N7    1 
ATOM   247 C  C5    . DG  B 1 10 ? 1.757   -0.358  3.625   1.00 8.77  ? 10  DG  B C5    1 
ATOM   248 C  C6    . DG  B 1 10 ? 1.179   -1.247  4.583   1.00 9.62  ? 10  DG  B C6    1 
ATOM   249 O  O6    . DG  B 1 10 ? -0.010  -1.571  4.708   1.00 10.07 ? 10  DG  B O6    1 
ATOM   250 N  N1    . DG  B 1 10 ? 2.158   -1.807  5.426   1.00 9.17  ? 10  DG  B N1    1 
ATOM   251 C  C2    . DG  B 1 10 ? 3.511   -1.531  5.368   1.00 9.55  ? 10  DG  B C2    1 
ATOM   252 N  N2    . DG  B 1 10 ? 4.294   -2.155  6.268   1.00 9.93  ? 10  DG  B N2    1 
ATOM   253 N  N3    . DG  B 1 10 ? 4.046   -0.676  4.510   1.00 9.76  ? 10  DG  B N3    1 
ATOM   254 C  C4    . DG  B 1 10 ? 3.116   -0.155  3.658   1.00 9.01  ? 10  DG  B C4    1 
HETATM 255 BA BA    . BA  C 2 .  ? -0.387  -6.857  2.990   0.23 8.31  ? 101 BA  A BA    1 
HETATM 256 BA BA    . BA  D 2 .  ? 0.736   -12.019 -1.368  0.23 11.02 ? 102 BA  A BA    1 
HETATM 257 BA BA    . BA  E 2 .  ? 1.371   -14.940 -3.833  0.18 14.99 ? 103 BA  A BA    1 
HETATM 258 MG MG    . MG  F 3 .  ? 0.862   2.429   -3.058  0.93 9.66  ? 104 MG  A MG    1 
HETATM 259 MG MG    . MG  G 3 .  ? -8.770  -3.162  -9.188  0.27 21.44 ? 105 MG  A MG    1 
HETATM 260 BA BA    . BA  H 2 .  ? -2.557  3.118   11.411  0.23 10.95 ? 101 BA  B BA    1 
HETATM 261 BA BA    . BA  I 2 .  ? -1.426  -2.077  7.025   0.24 8.39  ? 102 BA  B BA    1 
HETATM 262 BA BA    . BA  J 2 .  ? -3.189  6.024   13.864  0.18 13.90 ? 103 BA  B BA    1 
HETATM 263 O  O     . HOH K 4 .  ? 10.352  -1.537  -6.322  1.00 29.70 ? 201 HOH A O     1 
HETATM 264 O  O     . HOH K 4 .  ? 9.234   -3.976  -8.736  1.00 30.25 ? 202 HOH A O     1 
HETATM 265 O  O     . HOH K 4 .  ? 10.214  -3.334  -4.436  1.00 29.51 ? 203 HOH A O     1 
HETATM 266 O  O     . HOH K 4 .  ? 2.180   -12.284 -3.789  1.00 15.06 ? 204 HOH A O     1 
HETATM 267 O  O     . HOH K 4 .  ? -2.211  0.580   -9.209  1.00 27.38 ? 205 HOH A O     1 
HETATM 268 O  O     . HOH K 4 .  ? -7.213  0.937   -5.995  1.00 26.17 ? 206 HOH A O     1 
HETATM 269 O  O     . HOH K 4 .  ? 8.729   -9.067  -0.612  1.00 16.30 ? 207 HOH A O     1 
HETATM 270 O  O     . HOH K 4 .  ? 5.336   -8.371  -7.334  1.00 22.92 ? 208 HOH A O     1 
HETATM 271 O  O     . HOH K 4 .  ? 7.439   8.977   -9.060  1.00 16.60 ? 209 HOH A O     1 
HETATM 272 O  O     . HOH K 4 .  ? 0.911   2.314   -8.326  1.00 20.08 ? 210 HOH A O     1 
HETATM 273 O  O     . HOH K 4 .  ? -6.449  -4.299  -1.883  1.00 12.82 ? 211 HOH A O     1 
HETATM 274 O  O     . HOH K 4 .  ? 10.831  -5.903  -0.453  1.00 28.58 ? 212 HOH A O     1 
HETATM 275 O  O     . HOH K 4 .  ? 10.884  -10.881 -0.535  1.00 26.90 ? 213 HOH A O     1 
HETATM 276 O  O     . HOH K 4 .  ? 0.255   -9.807  0.500   0.25 20.86 ? 214 HOH A O     1 
HETATM 277 O  O     . HOH K 4 .  ? 2.871   2.198   -6.381  1.00 13.00 ? 215 HOH A O     1 
HETATM 278 O  O     . HOH K 4 .  ? 7.298   -5.214  -1.044  1.00 15.97 ? 216 HOH A O     1 
HETATM 279 O  O     . HOH K 4 .  ? 7.942   1.796   -7.694  1.00 40.42 ? 217 HOH A O     1 
HETATM 280 O  O     . HOH K 4 .  ? 3.347   -3.220  -8.418  1.00 34.80 ? 218 HOH A O     1 
HETATM 281 O  O     . HOH K 4 .  ? -7.111  -2.930  -4.076  1.00 26.86 ? 219 HOH A O     1 
HETATM 282 O  O     . HOH K 4 .  ? 2.560   -5.540  -7.440  1.00 26.00 ? 220 HOH A O     1 
HETATM 283 O  O     . HOH K 4 .  ? 5.658   6.369   -11.934 1.00 24.15 ? 221 HOH A O     1 
HETATM 284 O  O     . HOH K 4 .  ? 9.221   2.228   -1.659  1.00 22.87 ? 222 HOH A O     1 
HETATM 285 O  O     . HOH K 4 .  ? -0.997  -2.003  -9.101  1.00 43.04 ? 223 HOH A O     1 
HETATM 286 O  O     . HOH K 4 .  ? 1.413   -0.459  -9.313  1.00 30.43 ? 224 HOH A O     1 
HETATM 287 O  O     . HOH K 4 .  ? 6.427   2.544   -9.741  1.00 34.97 ? 225 HOH A O     1 
HETATM 288 O  O     . HOH K 4 .  ? 3.791   8.801   -10.880 1.00 23.06 ? 226 HOH A O     1 
HETATM 289 O  O     . HOH K 4 .  ? 4.693   1.116   -8.207  1.00 19.56 ? 227 HOH A O     1 
HETATM 290 O  O     . HOH K 4 .  ? 9.429   -13.450 -7.541  1.00 31.16 ? 228 HOH A O     1 
HETATM 291 O  O     . HOH K 4 .  ? 6.891   -1.192  -10.600 1.00 40.85 ? 229 HOH A O     1 
HETATM 292 O  O     . HOH K 4 .  ? 4.097   4.263   -11.462 1.00 41.27 ? 230 HOH A O     1 
HETATM 293 O  O     . HOH L 4 .  ? -7.455  10.425  0.499   1.00 44.19 ? 201 HOH B O     1 
HETATM 294 O  O     . HOH L 4 .  ? -3.420  5.790   11.124  1.00 14.44 ? 202 HOH B O     1 
HETATM 295 O  O     . HOH L 4 .  ? -8.966  4.453   -4.925  1.00 25.17 ? 203 HOH B O     1 
HETATM 296 O  O     . HOH L 4 .  ? 0.256   0.756   -1.886  1.00 10.24 ? 204 HOH B O     1 
HETATM 297 O  O     . HOH L 4 .  ? -4.640  9.324   6.336   1.00 21.12 ? 205 HOH B O     1 
HETATM 298 O  O     . HOH L 4 .  ? 9.136   3.689   2.373   1.00 30.06 ? 206 HOH B O     1 
HETATM 299 O  O     . HOH L 4 .  ? -2.367  9.518   -10.232 1.00 18.36 ? 207 HOH B O     1 
HETATM 300 O  O     . HOH L 4 .  ? -10.729 9.905   3.133   1.00 31.55 ? 208 HOH B O     1 
HETATM 301 O  O     . HOH L 4 .  ? 3.119   7.741   -1.646  1.00 21.15 ? 209 HOH B O     1 
HETATM 302 O  O     . HOH L 4 .  ? -9.715  3.752   6.616   1.00 17.47 ? 210 HOH B O     1 
HETATM 303 O  O     . HOH L 4 .  ? -0.907  5.875   -3.980  1.00 15.72 ? 211 HOH B O     1 
HETATM 304 O  O     . HOH L 4 .  ? -10.948 3.569   2.953   1.00 23.20 ? 212 HOH B O     1 
HETATM 305 O  O     . HOH L 4 .  ? 1.592   4.057   -4.154  1.00 11.20 ? 213 HOH B O     1 
HETATM 306 O  O     . HOH L 4 .  ? -7.495  3.191   3.590   1.00 18.57 ? 214 HOH B O     1 
HETATM 307 O  O     . HOH L 4 .  ? -12.037 4.548   7.994   1.00 34.03 ? 215 HOH B O     1 
HETATM 308 O  O     . HOH L 4 .  ? -9.324  11.340  10.189  1.00 30.62 ? 216 HOH B O     1 
HETATM 309 O  O     . HOH L 4 .  ? 6.151   1.024   5.593   1.00 12.86 ? 217 HOH B O     1 
HETATM 310 O  O     . HOH L 4 .  ? -1.460  8.297   -2.978  1.00 23.03 ? 218 HOH B O     1 
HETATM 311 O  O     . HOH L 4 .  ? -8.784  7.360   0.049   1.00 35.97 ? 219 HOH B O     1 
HETATM 312 O  O     . HOH L 4 .  ? -2.057  0.821   9.471   0.25 19.90 ? 220 HOH B O     1 
HETATM 313 O  O     . HOH L 4 .  ? -12.504 4.454   13.063  1.00 43.75 ? 221 HOH B O     1 
HETATM 314 O  O     . HOH L 4 .  ? -1.291  8.396   4.379   1.00 29.89 ? 222 HOH B O     1 
HETATM 315 O  O     . HOH L 4 .  ? -6.696  10.541  7.780   1.00 42.00 ? 223 HOH B O     1 
HETATM 316 O  O     . HOH L 4 .  ? 6.611   3.645   4.836   1.00 21.91 ? 224 HOH B O     1 
HETATM 317 O  O     . HOH L 4 .  ? 2.976   8.239   1.164   1.00 29.43 ? 225 HOH B O     1 
HETATM 318 O  O     . HOH L 4 .  ? -5.738  8.917   -4.610  1.00 30.88 ? 226 HOH B O     1 
HETATM 319 O  O     . HOH L 4 .  ? -8.784  5.083   -0.294  1.00 27.50 ? 227 HOH B O     1 
HETATM 320 O  O     . HOH L 4 .  ? -10.101 7.443   -3.700  1.00 28.57 ? 228 HOH B O     1 
HETATM 321 O  O     . HOH L 4 .  ? -7.546  7.512   -2.923  1.00 31.85 ? 229 HOH B O     1 
HETATM 322 O  O     . HOH L 4 .  ? -1.558  9.146   1.515   1.00 36.08 ? 230 HOH B O     1 
HETATM 323 O  O     . HOH L 4 .  ? -12.609 5.693   4.868   1.00 47.25 ? 231 HOH B O     1 
# 
